data_8HCK
# 
_entry.id   8HCK 
# 
_audit_conform.dict_name       mmcif_pdbx.dic 
_audit_conform.dict_version    5.398 
_audit_conform.dict_location   http://mmcif.pdb.org/dictionaries/ascii/mmcif_pdbx.dic 
# 
loop_
_database_2.database_id 
_database_2.database_code 
_database_2.pdbx_database_accession 
_database_2.pdbx_DOI 
PDB   8HCK         pdb_00008hck 10.2210/pdb8hck/pdb 
WWPDB D_1300033306 ?            ?                   
# 
loop_
_pdbx_audit_revision_history.ordinal 
_pdbx_audit_revision_history.data_content_type 
_pdbx_audit_revision_history.major_revision 
_pdbx_audit_revision_history.minor_revision 
_pdbx_audit_revision_history.revision_date 
1 'Structure model' 1 0 2023-11-08 
2 'Structure model' 1 1 2024-10-16 
3 'Structure model' 1 2 2024-11-20 
# 
_pdbx_audit_revision_details.ordinal             1 
_pdbx_audit_revision_details.revision_ordinal    1 
_pdbx_audit_revision_details.data_content_type   'Structure model' 
_pdbx_audit_revision_details.provider            repository 
_pdbx_audit_revision_details.type                'Initial release' 
_pdbx_audit_revision_details.description         ? 
_pdbx_audit_revision_details.details             ? 
# 
loop_
_pdbx_audit_revision_group.ordinal 
_pdbx_audit_revision_group.revision_ordinal 
_pdbx_audit_revision_group.data_content_type 
_pdbx_audit_revision_group.group 
1 2 'Structure model' 'Structure summary'   
2 3 'Structure model' 'Database references' 
# 
loop_
_pdbx_audit_revision_category.ordinal 
_pdbx_audit_revision_category.revision_ordinal 
_pdbx_audit_revision_category.data_content_type 
_pdbx_audit_revision_category.category 
1 2 'Structure model' pdbx_entry_details        
2 2 'Structure model' pdbx_modification_feature 
3 3 'Structure model' citation                  
4 3 'Structure model' citation_author           
# 
loop_
_pdbx_audit_revision_item.ordinal 
_pdbx_audit_revision_item.revision_ordinal 
_pdbx_audit_revision_item.data_content_type 
_pdbx_audit_revision_item.item 
1  2 'Structure model' '_pdbx_entry_details.has_protein_modification' 
2  3 'Structure model' '_citation.country'                            
3  3 'Structure model' '_citation.journal_abbrev'                     
4  3 'Structure model' '_citation.journal_id_CSD'                     
5  3 'Structure model' '_citation.journal_id_ISSN'                    
6  3 'Structure model' '_citation.journal_volume'                     
7  3 'Structure model' '_citation.pdbx_database_id_DOI'               
8  3 'Structure model' '_citation.pdbx_database_id_PubMed'            
9  3 'Structure model' '_citation.title'                              
10 3 'Structure model' '_citation.year'                               
# 
_pdbx_database_status.status_code                     REL 
_pdbx_database_status.status_code_sf                  REL 
_pdbx_database_status.status_code_mr                  ? 
_pdbx_database_status.entry_id                        8HCK 
_pdbx_database_status.recvd_initial_deposition_date   2022-11-01 
_pdbx_database_status.SG_entry                        N 
_pdbx_database_status.deposit_site                    PDBJ 
_pdbx_database_status.process_site                    PDBC 
_pdbx_database_status.status_code_cs                  ? 
_pdbx_database_status.status_code_nmr_data            ? 
_pdbx_database_status.methods_development_category    ? 
_pdbx_database_status.pdb_format_compatible           Y 
# 
_pdbx_contact_author.id                 2 
_pdbx_contact_author.email              tangheng@mail.ustc.edu.cn 
_pdbx_contact_author.name_first         Heng 
_pdbx_contact_author.name_last          Tang 
_pdbx_contact_author.name_mi            ? 
_pdbx_contact_author.role               'principal investigator/group leader' 
_pdbx_contact_author.identifier_ORCID   0000-0001-8171-5304 
# 
_audit_author.name               'Tang, H.' 
_audit_author.pdbx_ordinal       1 
_audit_author.identifier_ORCID   0000-0001-8171-5304 
# 
_citation.abstract                  ? 
_citation.abstract_id_CAS           ? 
_citation.book_id_ISBN              ? 
_citation.book_publisher            ? 
_citation.book_publisher_city       ? 
_citation.book_title                ? 
_citation.coordinate_linkage        ? 
_citation.country                   CH 
_citation.database_id_Medline       ? 
_citation.details                   ? 
_citation.id                        primary 
_citation.journal_abbrev            'Int J Mol Sci' 
_citation.journal_id_ASTM           ? 
_citation.journal_id_CSD            ? 
_citation.journal_id_ISSN           1422-0067 
_citation.journal_full              ? 
_citation.journal_issue             ? 
_citation.journal_volume            24 
_citation.language                  ? 
_citation.page_first                ? 
_citation.page_last                 ? 
_citation.title                     'Inhibitors against Two PDZ Domains of MDA-9 Suppressed Migration of Breast Cancer Cells.' 
_citation.year                      2023 
_citation.database_id_CSD           ? 
_citation.pdbx_database_id_DOI      10.3390/ijms24043431 
_citation.pdbx_database_id_PubMed   36834839 
_citation.pdbx_database_id_patent   ? 
_citation.unpublished_flag          ? 
# 
loop_
_citation_author.citation_id 
_citation_author.name 
_citation_author.ordinal 
_citation_author.identifier_ORCID 
primary 'Tang, H.'  1  ?                   
primary 'Wang, L.'  2  ?                   
primary 'Li, S.'    3  ?                   
primary 'Wei, X.'   4  ?                   
primary 'Lv, M.'    5  ?                   
primary 'Zhong, F.' 6  ?                   
primary 'Liu, Y.'   7  0000-0003-4871-9359 
primary 'Liu, J.'   8  ?                   
primary 'Fu, B.'    9  ?                   
primary 'Zhu, Q.'   10 ?                   
primary 'Wang, D.'  11 ?                   
primary 'Liu, J.'   12 ?                   
primary 'Ruan, K.'  13 0000-0001-9358-0451 
primary 'Gao, J.'   14 ?                   
primary 'Xu, W.'    15 ?                   
# 
loop_
_entity.id 
_entity.type 
_entity.src_method 
_entity.pdbx_description 
_entity.formula_weight 
_entity.pdbx_number_of_molecules 
_entity.pdbx_ec 
_entity.pdbx_mutation 
_entity.pdbx_fragment 
_entity.details 
1 polymer     man Syntenin-1                                  8950.381 1  ? ? ? ? 
2 non-polymer syn 4-BUTYL-1,2-DIPHENYL-PYRAZOLIDINE-3,5-DIONE 308.374  1  ? ? ? ? 
3 non-polymer syn 'SULFATE ION'                               96.063   2  ? ? ? ? 
4 non-polymer syn GLYCEROL                                    92.094   2  ? ? ? ? 
5 water       nat water                                       18.015   15 ? ? ? ? 
# 
_entity_name_com.entity_id   1 
_entity_name_com.name        
;Melanoma differentiation-associated protein 9,MDA-9,Pro-TGF-alpha cytoplasmic domain-interacting protein 18,TACIP18,Scaffold protein Pbp1,Syndecan-binding protein 1
;
# 
_entity_poly.entity_id                      1 
_entity_poly.type                           'polypeptide(L)' 
_entity_poly.nstd_linkage                   no 
_entity_poly.nstd_monomer                   no 
_entity_poly.pdbx_seq_one_letter_code       
;MHREVILCKDQDGKIGLRLKSIDNGIFVQLVQANSPASLVGLRFGDQVLQINGENCAGWSSDKAHKVLKQAFGEKITMTI
R
;
_entity_poly.pdbx_seq_one_letter_code_can   
;MHREVILCKDQDGKIGLRLKSIDNGIFVQLVQANSPASLVGLRFGDQVLQINGENCAGWSSDKAHKVLKQAFGEKITMTI
R
;
_entity_poly.pdbx_strand_id                 A 
_entity_poly.pdbx_target_identifier         ? 
# 
loop_
_pdbx_entity_nonpoly.entity_id 
_pdbx_entity_nonpoly.name 
_pdbx_entity_nonpoly.comp_id 
2 4-BUTYL-1,2-DIPHENYL-PYRAZOLIDINE-3,5-DIONE P1Z 
3 'SULFATE ION'                               SO4 
4 GLYCEROL                                    GOL 
5 water                                       HOH 
# 
loop_
_entity_poly_seq.entity_id 
_entity_poly_seq.num 
_entity_poly_seq.mon_id 
_entity_poly_seq.hetero 
1 1  MET n 
1 2  HIS n 
1 3  ARG n 
1 4  GLU n 
1 5  VAL n 
1 6  ILE n 
1 7  LEU n 
1 8  CYS n 
1 9  LYS n 
1 10 ASP n 
1 11 GLN n 
1 12 ASP n 
1 13 GLY n 
1 14 LYS n 
1 15 ILE n 
1 16 GLY n 
1 17 LEU n 
1 18 ARG n 
1 19 LEU n 
1 20 LYS n 
1 21 SER n 
1 22 ILE n 
1 23 ASP n 
1 24 ASN n 
1 25 GLY n 
1 26 ILE n 
1 27 PHE n 
1 28 VAL n 
1 29 GLN n 
1 30 LEU n 
1 31 VAL n 
1 32 GLN n 
1 33 ALA n 
1 34 ASN n 
1 35 SER n 
1 36 PRO n 
1 37 ALA n 
1 38 SER n 
1 39 LEU n 
1 40 VAL n 
1 41 GLY n 
1 42 LEU n 
1 43 ARG n 
1 44 PHE n 
1 45 GLY n 
1 46 ASP n 
1 47 GLN n 
1 48 VAL n 
1 49 LEU n 
1 50 GLN n 
1 51 ILE n 
1 52 ASN n 
1 53 GLY n 
1 54 GLU n 
1 55 ASN n 
1 56 CYS n 
1 57 ALA n 
1 58 GLY n 
1 59 TRP n 
1 60 SER n 
1 61 SER n 
1 62 ASP n 
1 63 LYS n 
1 64 ALA n 
1 65 HIS n 
1 66 LYS n 
1 67 VAL n 
1 68 LEU n 
1 69 LYS n 
1 70 GLN n 
1 71 ALA n 
1 72 PHE n 
1 73 GLY n 
1 74 GLU n 
1 75 LYS n 
1 76 ILE n 
1 77 THR n 
1 78 MET n 
1 79 THR n 
1 80 ILE n 
1 81 ARG n 
# 
_entity_src_gen.entity_id                          1 
_entity_src_gen.pdbx_src_id                        1 
_entity_src_gen.pdbx_alt_source_flag               sample 
_entity_src_gen.pdbx_seq_type                      'Biological sequence' 
_entity_src_gen.pdbx_beg_seq_num                   1 
_entity_src_gen.pdbx_end_seq_num                   81 
_entity_src_gen.gene_src_common_name               human 
_entity_src_gen.gene_src_genus                     ? 
_entity_src_gen.pdbx_gene_src_gene                 'SDCBP, MDA9, SYCL' 
_entity_src_gen.gene_src_species                   ? 
_entity_src_gen.gene_src_strain                    ? 
_entity_src_gen.gene_src_tissue                    ? 
_entity_src_gen.gene_src_tissue_fraction           ? 
_entity_src_gen.gene_src_details                   ? 
_entity_src_gen.pdbx_gene_src_fragment             ? 
_entity_src_gen.pdbx_gene_src_scientific_name      'Homo sapiens' 
_entity_src_gen.pdbx_gene_src_ncbi_taxonomy_id     9606 
_entity_src_gen.pdbx_gene_src_variant              ? 
_entity_src_gen.pdbx_gene_src_cell_line            ? 
_entity_src_gen.pdbx_gene_src_atcc                 ? 
_entity_src_gen.pdbx_gene_src_organ                ? 
_entity_src_gen.pdbx_gene_src_organelle            ? 
_entity_src_gen.pdbx_gene_src_cell                 ? 
_entity_src_gen.pdbx_gene_src_cellular_location    ? 
_entity_src_gen.host_org_common_name               ? 
_entity_src_gen.pdbx_host_org_scientific_name      'Escherichia coli' 
_entity_src_gen.pdbx_host_org_ncbi_taxonomy_id     562 
_entity_src_gen.host_org_genus                     ? 
_entity_src_gen.pdbx_host_org_gene                 ? 
_entity_src_gen.pdbx_host_org_organ                ? 
_entity_src_gen.host_org_species                   ? 
_entity_src_gen.pdbx_host_org_tissue               ? 
_entity_src_gen.pdbx_host_org_tissue_fraction      ? 
_entity_src_gen.pdbx_host_org_strain               ? 
_entity_src_gen.pdbx_host_org_variant              ? 
_entity_src_gen.pdbx_host_org_cell_line            ? 
_entity_src_gen.pdbx_host_org_atcc                 ? 
_entity_src_gen.pdbx_host_org_culture_collection   ? 
_entity_src_gen.pdbx_host_org_cell                 ? 
_entity_src_gen.pdbx_host_org_organelle            ? 
_entity_src_gen.pdbx_host_org_cellular_location    ? 
_entity_src_gen.pdbx_host_org_vector_type          ? 
_entity_src_gen.pdbx_host_org_vector               ? 
_entity_src_gen.host_org_details                   ? 
_entity_src_gen.expression_system_id               ? 
_entity_src_gen.plasmid_name                       ? 
_entity_src_gen.plasmid_details                    ? 
_entity_src_gen.pdbx_description                   ? 
# 
loop_
_chem_comp.id 
_chem_comp.type 
_chem_comp.mon_nstd_flag 
_chem_comp.name 
_chem_comp.pdbx_synonyms 
_chem_comp.formula 
_chem_comp.formula_weight 
ALA 'L-peptide linking' y ALANINE                                     ?                               'C3 H7 N O2'     89.093  
ARG 'L-peptide linking' y ARGININE                                    ?                               'C6 H15 N4 O2 1' 175.209 
ASN 'L-peptide linking' y ASPARAGINE                                  ?                               'C4 H8 N2 O3'    132.118 
ASP 'L-peptide linking' y 'ASPARTIC ACID'                             ?                               'C4 H7 N O4'     133.103 
CYS 'L-peptide linking' y CYSTEINE                                    ?                               'C3 H7 N O2 S'   121.158 
GLN 'L-peptide linking' y GLUTAMINE                                   ?                               'C5 H10 N2 O3'   146.144 
GLU 'L-peptide linking' y 'GLUTAMIC ACID'                             ?                               'C5 H9 N O4'     147.129 
GLY 'peptide linking'   y GLYCINE                                     ?                               'C2 H5 N O2'     75.067  
GOL non-polymer         . GLYCEROL                                    'GLYCERIN; PROPANE-1,2,3-TRIOL' 'C3 H8 O3'       92.094  
HIS 'L-peptide linking' y HISTIDINE                                   ?                               'C6 H10 N3 O2 1' 156.162 
HOH non-polymer         . WATER                                       ?                               'H2 O'           18.015  
ILE 'L-peptide linking' y ISOLEUCINE                                  ?                               'C6 H13 N O2'    131.173 
LEU 'L-peptide linking' y LEUCINE                                     ?                               'C6 H13 N O2'    131.173 
LYS 'L-peptide linking' y LYSINE                                      ?                               'C6 H15 N2 O2 1' 147.195 
MET 'L-peptide linking' y METHIONINE                                  ?                               'C5 H11 N O2 S'  149.211 
P1Z non-polymer         . 4-BUTYL-1,2-DIPHENYL-PYRAZOLIDINE-3,5-DIONE ?                               'C19 H20 N2 O2'  308.374 
PHE 'L-peptide linking' y PHENYLALANINE                               ?                               'C9 H11 N O2'    165.189 
PRO 'L-peptide linking' y PROLINE                                     ?                               'C5 H9 N O2'     115.130 
SER 'L-peptide linking' y SERINE                                      ?                               'C3 H7 N O3'     105.093 
SO4 non-polymer         . 'SULFATE ION'                               ?                               'O4 S -2'        96.063  
THR 'L-peptide linking' y THREONINE                                   ?                               'C4 H9 N O3'     119.119 
TRP 'L-peptide linking' y TRYPTOPHAN                                  ?                               'C11 H12 N2 O2'  204.225 
VAL 'L-peptide linking' y VALINE                                      ?                               'C5 H11 N O2'    117.146 
# 
loop_
_pdbx_poly_seq_scheme.asym_id 
_pdbx_poly_seq_scheme.entity_id 
_pdbx_poly_seq_scheme.seq_id 
_pdbx_poly_seq_scheme.mon_id 
_pdbx_poly_seq_scheme.ndb_seq_num 
_pdbx_poly_seq_scheme.pdb_seq_num 
_pdbx_poly_seq_scheme.auth_seq_num 
_pdbx_poly_seq_scheme.pdb_mon_id 
_pdbx_poly_seq_scheme.auth_mon_id 
_pdbx_poly_seq_scheme.pdb_strand_id 
_pdbx_poly_seq_scheme.pdb_ins_code 
_pdbx_poly_seq_scheme.hetero 
A 1 1  MET 1  -1 -1 MET MET A . n 
A 1 2  HIS 2  0  0  HIS HIS A . n 
A 1 3  ARG 3  1  1  ARG ARG A . n 
A 1 4  GLU 4  2  2  GLU GLU A . n 
A 1 5  VAL 5  3  3  VAL VAL A . n 
A 1 6  ILE 6  4  4  ILE ILE A . n 
A 1 7  LEU 7  5  5  LEU LEU A . n 
A 1 8  CYS 8  6  6  CYS CYS A . n 
A 1 9  LYS 9  7  7  LYS LYS A . n 
A 1 10 ASP 10 8  8  ASP ASP A . n 
A 1 11 GLN 11 9  9  GLN GLN A . n 
A 1 12 ASP 12 10 10 ASP ASP A . n 
A 1 13 GLY 13 11 11 GLY GLY A . n 
A 1 14 LYS 14 12 12 LYS LYS A . n 
A 1 15 ILE 15 13 13 ILE ILE A . n 
A 1 16 GLY 16 14 14 GLY GLY A . n 
A 1 17 LEU 17 15 15 LEU LEU A . n 
A 1 18 ARG 18 16 16 ARG ARG A . n 
A 1 19 LEU 19 17 17 LEU LEU A . n 
A 1 20 LYS 20 18 18 LYS LYS A . n 
A 1 21 SER 21 19 19 SER SER A . n 
A 1 22 ILE 22 20 20 ILE ILE A . n 
A 1 23 ASP 23 21 21 ASP ASP A . n 
A 1 24 ASN 24 22 22 ASN ASN A . n 
A 1 25 GLY 25 23 23 GLY GLY A . n 
A 1 26 ILE 26 24 24 ILE ILE A . n 
A 1 27 PHE 27 25 25 PHE PHE A . n 
A 1 28 VAL 28 26 26 VAL VAL A . n 
A 1 29 GLN 29 27 27 GLN GLN A . n 
A 1 30 LEU 30 28 28 LEU LEU A . n 
A 1 31 VAL 31 29 29 VAL VAL A . n 
A 1 32 GLN 32 30 30 GLN GLN A . n 
A 1 33 ALA 33 31 31 ALA ALA A . n 
A 1 34 ASN 34 32 32 ASN ASN A . n 
A 1 35 SER 35 33 33 SER SER A . n 
A 1 36 PRO 36 34 34 PRO PRO A . n 
A 1 37 ALA 37 35 35 ALA ALA A . n 
A 1 38 SER 38 36 36 SER SER A . n 
A 1 39 LEU 39 37 37 LEU LEU A . n 
A 1 40 VAL 40 38 38 VAL VAL A . n 
A 1 41 GLY 41 39 39 GLY GLY A . n 
A 1 42 LEU 42 40 40 LEU LEU A . n 
A 1 43 ARG 43 41 41 ARG ARG A . n 
A 1 44 PHE 44 42 42 PHE PHE A . n 
A 1 45 GLY 45 43 43 GLY GLY A . n 
A 1 46 ASP 46 44 44 ASP ASP A . n 
A 1 47 GLN 47 45 45 GLN GLN A . n 
A 1 48 VAL 48 46 46 VAL VAL A . n 
A 1 49 LEU 49 47 47 LEU LEU A . n 
A 1 50 GLN 50 48 48 GLN GLN A . n 
A 1 51 ILE 51 49 49 ILE ILE A . n 
A 1 52 ASN 52 50 50 ASN ASN A . n 
A 1 53 GLY 53 51 51 GLY GLY A . n 
A 1 54 GLU 54 52 52 GLU GLU A . n 
A 1 55 ASN 55 53 53 ASN ASN A . n 
A 1 56 CYS 56 54 54 CYS CYS A . n 
A 1 57 ALA 57 55 55 ALA ALA A . n 
A 1 58 GLY 58 56 56 GLY GLY A . n 
A 1 59 TRP 59 57 57 TRP TRP A . n 
A 1 60 SER 60 58 58 SER SER A . n 
A 1 61 SER 61 59 59 SER SER A . n 
A 1 62 ASP 62 60 60 ASP ASP A . n 
A 1 63 LYS 63 61 61 LYS LYS A . n 
A 1 64 ALA 64 62 62 ALA ALA A . n 
A 1 65 HIS 65 63 63 HIS HIS A . n 
A 1 66 LYS 66 64 64 LYS LYS A . n 
A 1 67 VAL 67 65 65 VAL VAL A . n 
A 1 68 LEU 68 66 66 LEU LEU A . n 
A 1 69 LYS 69 67 67 LYS LYS A . n 
A 1 70 GLN 70 68 68 GLN GLN A . n 
A 1 71 ALA 71 69 69 ALA ALA A . n 
A 1 72 PHE 72 70 70 PHE PHE A . n 
A 1 73 GLY 73 71 71 GLY GLY A . n 
A 1 74 GLU 74 72 72 GLU GLU A . n 
A 1 75 LYS 75 73 73 LYS LYS A . n 
A 1 76 ILE 76 74 74 ILE ILE A . n 
A 1 77 THR 77 75 75 THR THR A . n 
A 1 78 MET 78 76 76 MET MET A . n 
A 1 79 THR 79 77 77 THR THR A . n 
A 1 80 ILE 80 78 78 ILE ILE A . n 
A 1 81 ARG 81 79 79 ARG ARG A . n 
# 
_pdbx_entity_instance_feature.ordinal        1 
_pdbx_entity_instance_feature.comp_id        P1Z 
_pdbx_entity_instance_feature.asym_id        ? 
_pdbx_entity_instance_feature.seq_num        ? 
_pdbx_entity_instance_feature.auth_comp_id   P1Z 
_pdbx_entity_instance_feature.auth_asym_id   ? 
_pdbx_entity_instance_feature.auth_seq_num   ? 
_pdbx_entity_instance_feature.feature_type   'SUBJECT OF INVESTIGATION' 
_pdbx_entity_instance_feature.details        ? 
# 
loop_
_pdbx_nonpoly_scheme.asym_id 
_pdbx_nonpoly_scheme.entity_id 
_pdbx_nonpoly_scheme.mon_id 
_pdbx_nonpoly_scheme.ndb_seq_num 
_pdbx_nonpoly_scheme.pdb_seq_num 
_pdbx_nonpoly_scheme.auth_seq_num 
_pdbx_nonpoly_scheme.pdb_mon_id 
_pdbx_nonpoly_scheme.auth_mon_id 
_pdbx_nonpoly_scheme.pdb_strand_id 
_pdbx_nonpoly_scheme.pdb_ins_code 
B 2 P1Z 1  101 101 P1Z LIG A . 
C 3 SO4 1  102 1   SO4 SO4 A . 
D 3 SO4 1  103 2   SO4 SO4 A . 
E 4 GOL 1  104 101 GOL GOL A . 
F 4 GOL 1  105 201 GOL GOL A . 
G 5 HOH 1  201 2   HOH HOH A . 
G 5 HOH 2  202 5   HOH HOH A . 
G 5 HOH 3  203 7   HOH HOH A . 
G 5 HOH 4  204 15  HOH HOH A . 
G 5 HOH 5  205 14  HOH HOH A . 
G 5 HOH 6  206 16  HOH HOH A . 
G 5 HOH 7  207 1   HOH HOH A . 
G 5 HOH 8  208 10  HOH HOH A . 
G 5 HOH 9  209 3   HOH HOH A . 
G 5 HOH 10 210 18  HOH HOH A . 
G 5 HOH 11 211 4   HOH HOH A . 
G 5 HOH 12 212 19  HOH HOH A . 
G 5 HOH 13 213 11  HOH HOH A . 
G 5 HOH 14 214 12  HOH HOH A . 
G 5 HOH 15 215 13  HOH HOH A . 
# 
loop_
_pdbx_unobs_or_zero_occ_atoms.id 
_pdbx_unobs_or_zero_occ_atoms.PDB_model_num 
_pdbx_unobs_or_zero_occ_atoms.polymer_flag 
_pdbx_unobs_or_zero_occ_atoms.occupancy_flag 
_pdbx_unobs_or_zero_occ_atoms.auth_asym_id 
_pdbx_unobs_or_zero_occ_atoms.auth_comp_id 
_pdbx_unobs_or_zero_occ_atoms.auth_seq_id 
_pdbx_unobs_or_zero_occ_atoms.PDB_ins_code 
_pdbx_unobs_or_zero_occ_atoms.auth_atom_id 
_pdbx_unobs_or_zero_occ_atoms.label_alt_id 
_pdbx_unobs_or_zero_occ_atoms.label_asym_id 
_pdbx_unobs_or_zero_occ_atoms.label_comp_id 
_pdbx_unobs_or_zero_occ_atoms.label_seq_id 
_pdbx_unobs_or_zero_occ_atoms.label_atom_id 
1  1 Y 1 A LYS 67 ? CG  ? A LYS 69 CG  
2  1 Y 1 A LYS 67 ? CD  ? A LYS 69 CD  
3  1 Y 1 A LYS 67 ? CE  ? A LYS 69 CE  
4  1 Y 1 A LYS 67 ? NZ  ? A LYS 69 NZ  
5  1 Y 1 A ARG 79 ? CG  ? A ARG 81 CG  
6  1 Y 1 A ARG 79 ? CD  ? A ARG 81 CD  
7  1 Y 1 A ARG 79 ? NE  ? A ARG 81 NE  
8  1 Y 1 A ARG 79 ? CZ  ? A ARG 81 CZ  
9  1 Y 1 A ARG 79 ? NH1 ? A ARG 81 NH1 
10 1 Y 1 A ARG 79 ? NH2 ? A ARG 81 NH2 
# 
loop_
_software.citation_id 
_software.classification 
_software.compiler_name 
_software.compiler_version 
_software.contact_author 
_software.contact_author_email 
_software.date 
_software.description 
_software.dependencies 
_software.hardware 
_software.language 
_software.location 
_software.mods 
_software.name 
_software.os 
_software.os_version 
_software.type 
_software.version 
_software.pdbx_ordinal 
? refinement        ? ? ? ? ? ? ? ? ? ? ? PHENIX      ? ? ? 1.10_2155 1 
? 'data extraction' ? ? ? ? ? ? ? ? ? ? ? PDB_EXTRACT ? ? ? 3.27      2 
? 'data reduction'  ? ? ? ? ? ? ? ? ? ? ? HKL-2000    ? ? ? .         3 
? 'data scaling'    ? ? ? ? ? ? ? ? ? ? ? HKL-2000    ? ? ? .         4 
? phasing           ? ? ? ? ? ? ? ? ? ? ? PHASER      ? ? ? .         5 
# 
_cell.angle_alpha                  90.000 
_cell.angle_alpha_esd              ? 
_cell.angle_beta                   90.000 
_cell.angle_beta_esd               ? 
_cell.angle_gamma                  90.000 
_cell.angle_gamma_esd              ? 
_cell.entry_id                     8HCK 
_cell.details                      ? 
_cell.formula_units_Z              ? 
_cell.length_a                     49.353 
_cell.length_a_esd                 ? 
_cell.length_b                     49.353 
_cell.length_b_esd                 ? 
_cell.length_c                     75.254 
_cell.length_c_esd                 ? 
_cell.volume                       ? 
_cell.volume_esd                   ? 
_cell.Z_PDB                        8 
_cell.reciprocal_angle_alpha       ? 
_cell.reciprocal_angle_beta        ? 
_cell.reciprocal_angle_gamma       ? 
_cell.reciprocal_angle_alpha_esd   ? 
_cell.reciprocal_angle_beta_esd    ? 
_cell.reciprocal_angle_gamma_esd   ? 
_cell.reciprocal_length_a          ? 
_cell.reciprocal_length_b          ? 
_cell.reciprocal_length_c          ? 
_cell.reciprocal_length_a_esd      ? 
_cell.reciprocal_length_b_esd      ? 
_cell.reciprocal_length_c_esd      ? 
_cell.pdbx_unique_axis             ? 
_cell.pdbx_esd_method              ? 
# 
_symmetry.entry_id                         8HCK 
_symmetry.cell_setting                     ? 
_symmetry.Int_Tables_number                91 
_symmetry.space_group_name_Hall            ? 
_symmetry.space_group_name_H-M             'P 41 2 2' 
_symmetry.pdbx_full_space_group_name_H-M   ? 
# 
_exptl.absorpt_coefficient_mu     ? 
_exptl.absorpt_correction_T_max   ? 
_exptl.absorpt_correction_T_min   ? 
_exptl.absorpt_correction_type    ? 
_exptl.absorpt_process_details    ? 
_exptl.entry_id                   8HCK 
_exptl.crystals_number            1 
_exptl.details                    ? 
_exptl.method                     'X-RAY DIFFRACTION' 
_exptl.method_details             ? 
# 
_exptl_crystal.colour                       ? 
_exptl_crystal.density_diffrn               ? 
_exptl_crystal.density_Matthews             2.56 
_exptl_crystal.density_method               ? 
_exptl_crystal.density_percent_sol          51.95 
_exptl_crystal.description                  ? 
_exptl_crystal.F_000                        ? 
_exptl_crystal.id                           1 
_exptl_crystal.preparation                  ? 
_exptl_crystal.size_max                     ? 
_exptl_crystal.size_mid                     ? 
_exptl_crystal.size_min                     ? 
_exptl_crystal.size_rad                     ? 
_exptl_crystal.colour_lustre                ? 
_exptl_crystal.colour_modifier              ? 
_exptl_crystal.colour_primary               ? 
_exptl_crystal.density_meas                 ? 
_exptl_crystal.density_meas_esd             ? 
_exptl_crystal.density_meas_gt              ? 
_exptl_crystal.density_meas_lt              ? 
_exptl_crystal.density_meas_temp            ? 
_exptl_crystal.density_meas_temp_esd        ? 
_exptl_crystal.density_meas_temp_gt         ? 
_exptl_crystal.density_meas_temp_lt         ? 
_exptl_crystal.pdbx_crystal_image_url       ? 
_exptl_crystal.pdbx_crystal_image_format    ? 
_exptl_crystal.pdbx_mosaicity               ? 
_exptl_crystal.pdbx_mosaicity_esd           ? 
_exptl_crystal.pdbx_mosaic_method           ? 
_exptl_crystal.pdbx_mosaic_block_size       ? 
_exptl_crystal.pdbx_mosaic_block_size_esd   ? 
# 
_exptl_crystal_grow.apparatus       ? 
_exptl_crystal_grow.atmosphere      ? 
_exptl_crystal_grow.crystal_id      1 
_exptl_crystal_grow.details         ? 
_exptl_crystal_grow.method          'VAPOR DIFFUSION, HANGING DROP' 
_exptl_crystal_grow.method_ref      ? 
_exptl_crystal_grow.pH              ? 
_exptl_crystal_grow.pressure        ? 
_exptl_crystal_grow.pressure_esd    ? 
_exptl_crystal_grow.seeding         ? 
_exptl_crystal_grow.seeding_ref     ? 
_exptl_crystal_grow.temp            293.15 
_exptl_crystal_grow.temp_details    ? 
_exptl_crystal_grow.temp_esd        ? 
_exptl_crystal_grow.time            ? 
_exptl_crystal_grow.pdbx_details    
;e.g.Cobalt chlonde hexahydrate,
MES monohydrate, Ammouium sulfate.
;
_exptl_crystal_grow.pdbx_pH_range   ? 
# 
_diffrn.ambient_environment              ? 
_diffrn.ambient_temp                     100 
_diffrn.ambient_temp_details             ? 
_diffrn.ambient_temp_esd                 ? 
_diffrn.crystal_id                       1 
_diffrn.crystal_support                  ? 
_diffrn.crystal_treatment                ? 
_diffrn.details                          ? 
_diffrn.id                               1 
_diffrn.ambient_pressure                 ? 
_diffrn.ambient_pressure_esd             ? 
_diffrn.ambient_pressure_gt              ? 
_diffrn.ambient_pressure_lt              ? 
_diffrn.ambient_temp_gt                  ? 
_diffrn.ambient_temp_lt                  ? 
_diffrn.pdbx_serial_crystal_experiment   N 
# 
_diffrn_detector.details                      ? 
_diffrn_detector.detector                     PIXEL 
_diffrn_detector.diffrn_id                    1 
_diffrn_detector.type                         'DECTRIS PILATUS3 6M' 
_diffrn_detector.area_resol_mean              ? 
_diffrn_detector.dtime                        ? 
_diffrn_detector.pdbx_frames_total            ? 
_diffrn_detector.pdbx_collection_time_total   ? 
_diffrn_detector.pdbx_collection_date         2021-11-21 
_diffrn_detector.pdbx_frequency               ? 
# 
_diffrn_radiation.collimation                      ? 
_diffrn_radiation.diffrn_id                        1 
_diffrn_radiation.filter_edge                      ? 
_diffrn_radiation.inhomogeneity                    ? 
_diffrn_radiation.monochromator                    ? 
_diffrn_radiation.polarisn_norm                    ? 
_diffrn_radiation.polarisn_ratio                   ? 
_diffrn_radiation.probe                            ? 
_diffrn_radiation.type                             ? 
_diffrn_radiation.xray_symbol                      ? 
_diffrn_radiation.wavelength_id                    1 
_diffrn_radiation.pdbx_monochromatic_or_laue_m_l   M 
_diffrn_radiation.pdbx_wavelength_list             ? 
_diffrn_radiation.pdbx_wavelength                  ? 
_diffrn_radiation.pdbx_diffrn_protocol             'SINGLE WAVELENGTH' 
_diffrn_radiation.pdbx_analyzer                    ? 
_diffrn_radiation.pdbx_scattering_type             x-ray 
# 
_diffrn_radiation_wavelength.id           1 
_diffrn_radiation_wavelength.wavelength   1 
_diffrn_radiation_wavelength.wt           1.0 
# 
_diffrn_source.current                     ? 
_diffrn_source.details                     ? 
_diffrn_source.diffrn_id                   1 
_diffrn_source.power                       ? 
_diffrn_source.size                        ? 
_diffrn_source.source                      SYNCHROTRON 
_diffrn_source.target                      ? 
_diffrn_source.type                        'SSRF BEAMLINE BL18U1' 
_diffrn_source.voltage                     ? 
_diffrn_source.take-off_angle              ? 
_diffrn_source.pdbx_wavelength_list        1 
_diffrn_source.pdbx_wavelength             ? 
_diffrn_source.pdbx_synchrotron_beamline   BL18U1 
_diffrn_source.pdbx_synchrotron_site       SSRF 
# 
_reflns.B_iso_Wilson_estimate                          ? 
_reflns.entry_id                                       8HCK 
_reflns.data_reduction_details                         ? 
_reflns.data_reduction_method                          ? 
_reflns.d_resolution_high                              1.90 
_reflns.d_resolution_low                               25.59 
_reflns.details                                        ? 
_reflns.limit_h_max                                    ? 
_reflns.limit_h_min                                    ? 
_reflns.limit_k_max                                    ? 
_reflns.limit_k_min                                    ? 
_reflns.limit_l_max                                    ? 
_reflns.limit_l_min                                    ? 
_reflns.number_all                                     ? 
_reflns.number_obs                                     7824 
_reflns.observed_criterion                             ? 
_reflns.observed_criterion_F_max                       ? 
_reflns.observed_criterion_F_min                       ? 
_reflns.observed_criterion_I_max                       ? 
_reflns.observed_criterion_I_min                       ? 
_reflns.observed_criterion_sigma_F                     ? 
_reflns.observed_criterion_sigma_I                     ? 
_reflns.percent_possible_obs                           99.9 
_reflns.R_free_details                                 ? 
_reflns.Rmerge_F_all                                   ? 
_reflns.Rmerge_F_obs                                   ? 
_reflns.Friedel_coverage                               ? 
_reflns.number_gt                                      ? 
_reflns.threshold_expression                           ? 
_reflns.pdbx_redundancy                                19.0 
_reflns.pdbx_Rmerge_I_obs                              0.056 
_reflns.pdbx_Rmerge_I_all                              ? 
_reflns.pdbx_Rsym_value                                ? 
_reflns.pdbx_netI_over_av_sigmaI                       ? 
_reflns.pdbx_netI_over_sigmaI                          37.3 
_reflns.pdbx_res_netI_over_av_sigmaI_2                 ? 
_reflns.pdbx_res_netI_over_sigmaI_2                    ? 
_reflns.pdbx_chi_squared                               ? 
_reflns.pdbx_scaling_rejects                           ? 
_reflns.pdbx_d_res_high_opt                            ? 
_reflns.pdbx_d_res_low_opt                             ? 
_reflns.pdbx_d_res_opt_method                          ? 
_reflns.phase_calculation_details                      ? 
_reflns.pdbx_Rrim_I_all                                ? 
_reflns.pdbx_Rpim_I_all                                ? 
_reflns.pdbx_d_opt                                     ? 
_reflns.pdbx_number_measured_all                       ? 
_reflns.pdbx_diffrn_id                                 1 
_reflns.pdbx_ordinal                                   1 
_reflns.pdbx_CC_half                                   ? 
_reflns.pdbx_CC_star                                   ? 
_reflns.pdbx_R_split                                   ? 
_reflns.pdbx_aniso_diffraction_limit_axis_1_ortho[1]   ? 
_reflns.pdbx_aniso_diffraction_limit_axis_1_ortho[2]   ? 
_reflns.pdbx_aniso_diffraction_limit_axis_1_ortho[3]   ? 
_reflns.pdbx_aniso_diffraction_limit_axis_2_ortho[1]   ? 
_reflns.pdbx_aniso_diffraction_limit_axis_2_ortho[2]   ? 
_reflns.pdbx_aniso_diffraction_limit_axis_2_ortho[3]   ? 
_reflns.pdbx_aniso_diffraction_limit_axis_3_ortho[1]   ? 
_reflns.pdbx_aniso_diffraction_limit_axis_3_ortho[2]   ? 
_reflns.pdbx_aniso_diffraction_limit_axis_3_ortho[3]   ? 
_reflns.pdbx_aniso_diffraction_limit_1                 ? 
_reflns.pdbx_aniso_diffraction_limit_2                 ? 
_reflns.pdbx_aniso_diffraction_limit_3                 ? 
_reflns.pdbx_aniso_B_tensor_eigenvector_1_ortho[1]     ? 
_reflns.pdbx_aniso_B_tensor_eigenvector_1_ortho[2]     ? 
_reflns.pdbx_aniso_B_tensor_eigenvector_1_ortho[3]     ? 
_reflns.pdbx_aniso_B_tensor_eigenvector_2_ortho[1]     ? 
_reflns.pdbx_aniso_B_tensor_eigenvector_2_ortho[2]     ? 
_reflns.pdbx_aniso_B_tensor_eigenvector_2_ortho[3]     ? 
_reflns.pdbx_aniso_B_tensor_eigenvector_3_ortho[1]     ? 
_reflns.pdbx_aniso_B_tensor_eigenvector_3_ortho[2]     ? 
_reflns.pdbx_aniso_B_tensor_eigenvector_3_ortho[3]     ? 
_reflns.pdbx_aniso_B_tensor_eigenvalue_1               ? 
_reflns.pdbx_aniso_B_tensor_eigenvalue_2               ? 
_reflns.pdbx_aniso_B_tensor_eigenvalue_3               ? 
_reflns.pdbx_orthogonalization_convention              ? 
_reflns.pdbx_percent_possible_ellipsoidal              ? 
_reflns.pdbx_percent_possible_spherical                ? 
_reflns.pdbx_percent_possible_ellipsoidal_anomalous    ? 
_reflns.pdbx_percent_possible_spherical_anomalous      ? 
_reflns.pdbx_redundancy_anomalous                      ? 
_reflns.pdbx_CC_half_anomalous                         ? 
_reflns.pdbx_absDiff_over_sigma_anomalous              ? 
_reflns.pdbx_percent_possible_anomalous                ? 
_reflns.pdbx_observed_signal_threshold                 ? 
_reflns.pdbx_signal_type                               ? 
_reflns.pdbx_signal_details                            ? 
_reflns.pdbx_signal_software_id                        ? 
_reflns.pdbx_CC_split_method                           ? 
# 
_reflns_shell.d_res_high                                    1.90 
_reflns_shell.d_res_low                                     1.94 
_reflns_shell.meanI_over_sigI_all                           ? 
_reflns_shell.meanI_over_sigI_obs                           ? 
_reflns_shell.number_measured_all                           ? 
_reflns_shell.number_measured_obs                           ? 
_reflns_shell.number_possible                               ? 
_reflns_shell.number_unique_all                             ? 
_reflns_shell.number_unique_obs                             504 
_reflns_shell.percent_possible_all                          ? 
_reflns_shell.percent_possible_obs                          ? 
_reflns_shell.Rmerge_F_all                                  ? 
_reflns_shell.Rmerge_F_obs                                  ? 
_reflns_shell.Rmerge_I_all                                  ? 
_reflns_shell.Rmerge_I_obs                                  0.535 
_reflns_shell.meanI_over_sigI_gt                            ? 
_reflns_shell.meanI_over_uI_all                             ? 
_reflns_shell.meanI_over_uI_gt                              ? 
_reflns_shell.number_measured_gt                            ? 
_reflns_shell.number_unique_gt                              ? 
_reflns_shell.percent_possible_gt                           ? 
_reflns_shell.Rmerge_F_gt                                   ? 
_reflns_shell.Rmerge_I_gt                                   ? 
_reflns_shell.pdbx_redundancy                               ? 
_reflns_shell.pdbx_Rsym_value                               ? 
_reflns_shell.pdbx_chi_squared                              ? 
_reflns_shell.pdbx_netI_over_sigmaI_all                     ? 
_reflns_shell.pdbx_netI_over_sigmaI_obs                     ? 
_reflns_shell.pdbx_Rrim_I_all                               ? 
_reflns_shell.pdbx_Rpim_I_all                               ? 
_reflns_shell.pdbx_rejects                                  ? 
_reflns_shell.pdbx_ordinal                                  1 
_reflns_shell.pdbx_diffrn_id                                1 
_reflns_shell.pdbx_CC_half                                  ? 
_reflns_shell.pdbx_CC_star                                  ? 
_reflns_shell.pdbx_R_split                                  ? 
_reflns_shell.pdbx_percent_possible_ellipsoidal             ? 
_reflns_shell.pdbx_percent_possible_spherical               ? 
_reflns_shell.pdbx_percent_possible_ellipsoidal_anomalous   ? 
_reflns_shell.pdbx_percent_possible_spherical_anomalous     ? 
_reflns_shell.pdbx_redundancy_anomalous                     ? 
_reflns_shell.pdbx_CC_half_anomalous                        ? 
_reflns_shell.pdbx_absDiff_over_sigma_anomalous             ? 
_reflns_shell.pdbx_percent_possible_anomalous               ? 
# 
_refine.aniso_B[1][1]                            ? 
_refine.aniso_B[1][2]                            ? 
_refine.aniso_B[1][3]                            ? 
_refine.aniso_B[2][2]                            ? 
_refine.aniso_B[2][3]                            ? 
_refine.aniso_B[3][3]                            ? 
_refine.B_iso_max                                75.320 
_refine.B_iso_mean                               34.8806 
_refine.B_iso_min                                17.230 
_refine.correlation_coeff_Fo_to_Fc               ? 
_refine.correlation_coeff_Fo_to_Fc_free          ? 
_refine.details                                  ? 
_refine.diff_density_max                         ? 
_refine.diff_density_max_esd                     ? 
_refine.diff_density_min                         ? 
_refine.diff_density_min_esd                     ? 
_refine.diff_density_rms                         ? 
_refine.diff_density_rms_esd                     ? 
_refine.entry_id                                 8HCK 
_refine.pdbx_refine_id                           'X-RAY DIFFRACTION' 
_refine.ls_abs_structure_details                 ? 
_refine.ls_abs_structure_Flack                   ? 
_refine.ls_abs_structure_Flack_esd               ? 
_refine.ls_abs_structure_Rogers                  ? 
_refine.ls_abs_structure_Rogers_esd              ? 
_refine.ls_d_res_high                            2.0000 
_refine.ls_d_res_low                             25.5870 
_refine.ls_extinction_coef                       ? 
_refine.ls_extinction_coef_esd                   ? 
_refine.ls_extinction_expression                 ? 
_refine.ls_extinction_method                     ? 
_refine.ls_goodness_of_fit_all                   ? 
_refine.ls_goodness_of_fit_all_esd               ? 
_refine.ls_goodness_of_fit_obs                   ? 
_refine.ls_goodness_of_fit_obs_esd               ? 
_refine.ls_hydrogen_treatment                    ? 
_refine.ls_matrix_type                           ? 
_refine.ls_number_constraints                    ? 
_refine.ls_number_parameters                     ? 
_refine.ls_number_reflns_all                     ? 
_refine.ls_number_reflns_obs                     6731 
_refine.ls_number_reflns_R_free                  935 
_refine.ls_number_reflns_R_work                  5796 
_refine.ls_number_restraints                     ? 
_refine.ls_percent_reflns_obs                    99.9700 
_refine.ls_percent_reflns_R_free                 13.8900 
_refine.ls_R_factor_all                          ? 
_refine.ls_R_factor_obs                          0.2368 
_refine.ls_R_factor_R_free                       0.2644 
_refine.ls_R_factor_R_free_error                 ? 
_refine.ls_R_factor_R_free_error_details         ? 
_refine.ls_R_factor_R_work                       0.2321 
_refine.ls_R_Fsqd_factor_obs                     ? 
_refine.ls_R_I_factor_obs                        ? 
_refine.ls_redundancy_reflns_all                 ? 
_refine.ls_redundancy_reflns_obs                 ? 
_refine.ls_restrained_S_all                      ? 
_refine.ls_restrained_S_obs                      ? 
_refine.ls_shift_over_esd_max                    ? 
_refine.ls_shift_over_esd_mean                   ? 
_refine.ls_structure_factor_coef                 ? 
_refine.ls_weighting_details                     ? 
_refine.ls_weighting_scheme                      ? 
_refine.ls_wR_factor_all                         ? 
_refine.ls_wR_factor_obs                         ? 
_refine.ls_wR_factor_R_free                      ? 
_refine.ls_wR_factor_R_work                      ? 
_refine.occupancy_max                            ? 
_refine.occupancy_min                            ? 
_refine.solvent_model_details                    'FLAT BULK SOLVENT MODEL' 
_refine.solvent_model_param_bsol                 ? 
_refine.solvent_model_param_ksol                 ? 
_refine.pdbx_R_complete                          ? 
_refine.ls_R_factor_gt                           ? 
_refine.ls_goodness_of_fit_gt                    ? 
_refine.ls_goodness_of_fit_ref                   ? 
_refine.ls_shift_over_su_max                     ? 
_refine.ls_shift_over_su_max_lt                  ? 
_refine.ls_shift_over_su_mean                    ? 
_refine.ls_shift_over_su_mean_lt                 ? 
_refine.pdbx_ls_sigma_I                          ? 
_refine.pdbx_ls_sigma_F                          1.360 
_refine.pdbx_ls_sigma_Fsqd                       ? 
_refine.pdbx_data_cutoff_high_absF               ? 
_refine.pdbx_data_cutoff_high_rms_absF           ? 
_refine.pdbx_data_cutoff_low_absF                ? 
_refine.pdbx_isotropic_thermal_model             ? 
_refine.pdbx_ls_cross_valid_method               THROUGHOUT 
_refine.pdbx_method_to_determine_struct          'MOLECULAR REPLACEMENT' 
_refine.pdbx_starting_model                      1N99 
_refine.pdbx_stereochemistry_target_values       ML 
_refine.pdbx_R_Free_selection_details            ? 
_refine.pdbx_stereochem_target_val_spec_case     ? 
_refine.pdbx_overall_ESU_R                       ? 
_refine.pdbx_overall_ESU_R_Free                  ? 
_refine.pdbx_solvent_vdw_probe_radii             1.1100 
_refine.pdbx_solvent_ion_probe_radii             ? 
_refine.pdbx_solvent_shrinkage_radii             0.9000 
_refine.pdbx_real_space_R                        ? 
_refine.pdbx_density_correlation                 ? 
_refine.pdbx_pd_number_of_powder_patterns        ? 
_refine.pdbx_pd_number_of_points                 ? 
_refine.pdbx_pd_meas_number_of_points            ? 
_refine.pdbx_pd_proc_ls_prof_R_factor            ? 
_refine.pdbx_pd_proc_ls_prof_wR_factor           ? 
_refine.pdbx_pd_Marquardt_correlation_coeff      ? 
_refine.pdbx_pd_Fsqrd_R_factor                   ? 
_refine.pdbx_pd_ls_matrix_band_width             ? 
_refine.pdbx_overall_phase_error                 27.5000 
_refine.pdbx_overall_SU_R_free_Cruickshank_DPI   ? 
_refine.pdbx_overall_SU_R_free_Blow_DPI          ? 
_refine.pdbx_overall_SU_R_Blow_DPI               ? 
_refine.pdbx_TLS_residual_ADP_flag               ? 
_refine.pdbx_diffrn_id                           1 
_refine.overall_SU_B                             ? 
_refine.overall_SU_ML                            0.2700 
_refine.overall_SU_R_Cruickshank_DPI             ? 
_refine.overall_SU_R_free                        ? 
_refine.overall_FOM_free_R_set                   ? 
_refine.overall_FOM_work_R_set                   ? 
_refine.pdbx_average_fsc_overall                 ? 
_refine.pdbx_average_fsc_work                    ? 
_refine.pdbx_average_fsc_free                    ? 
# 
_refine_hist.pdbx_refine_id                   'X-RAY DIFFRACTION' 
_refine_hist.cycle_id                         final 
_refine_hist.details                          ? 
_refine_hist.d_res_high                       2.0000 
_refine_hist.d_res_low                        25.5870 
_refine_hist.number_atoms_solvent             15 
_refine_hist.number_atoms_total               675 
_refine_hist.number_reflns_all                ? 
_refine_hist.number_reflns_obs                ? 
_refine_hist.number_reflns_R_free             ? 
_refine_hist.number_reflns_R_work             ? 
_refine_hist.R_factor_all                     ? 
_refine_hist.R_factor_obs                     ? 
_refine_hist.R_factor_R_free                  ? 
_refine_hist.R_factor_R_work                  ? 
_refine_hist.pdbx_number_residues_total       81 
_refine_hist.pdbx_B_iso_mean_ligand           59.70 
_refine_hist.pdbx_B_iso_mean_solvent          33.92 
_refine_hist.pdbx_number_atoms_protein        615 
_refine_hist.pdbx_number_atoms_nucleic_acid   0 
_refine_hist.pdbx_number_atoms_ligand         45 
_refine_hist.pdbx_number_atoms_lipid          ? 
_refine_hist.pdbx_number_atoms_carb           ? 
_refine_hist.pdbx_pseudo_atom_details         ? 
# 
loop_
_refine_ls_restr.pdbx_refine_id 
_refine_ls_restr.criterion 
_refine_ls_restr.dev_ideal 
_refine_ls_restr.dev_ideal_target 
_refine_ls_restr.number 
_refine_ls_restr.rejects 
_refine_ls_restr.type 
_refine_ls_restr.weight 
_refine_ls_restr.pdbx_restraint_function 
'X-RAY DIFFRACTION' ? 0.008  ? 665 ? f_bond_d           ? ? 
'X-RAY DIFFRACTION' ? 0.879  ? 891 ? f_angle_d          ? ? 
'X-RAY DIFFRACTION' ? 0.057  ? 97  ? f_chiral_restr     ? ? 
'X-RAY DIFFRACTION' ? 0.004  ? 111 ? f_plane_restr      ? ? 
'X-RAY DIFFRACTION' ? 13.968 ? 390 ? f_dihedral_angle_d ? ? 
# 
loop_
_refine_ls_shell.pdbx_refine_id 
_refine_ls_shell.d_res_high 
_refine_ls_shell.d_res_low 
_refine_ls_shell.number_reflns_all 
_refine_ls_shell.number_reflns_obs 
_refine_ls_shell.number_reflns_R_free 
_refine_ls_shell.number_reflns_R_work 
_refine_ls_shell.percent_reflns_obs 
_refine_ls_shell.percent_reflns_R_free 
_refine_ls_shell.R_factor_all 
_refine_ls_shell.R_factor_obs 
_refine_ls_shell.R_factor_R_free 
_refine_ls_shell.R_factor_R_free_error 
_refine_ls_shell.R_factor_R_work 
_refine_ls_shell.redundancy_reflns_all 
_refine_ls_shell.redundancy_reflns_obs 
_refine_ls_shell.wR_factor_all 
_refine_ls_shell.wR_factor_obs 
_refine_ls_shell.wR_factor_R_free 
_refine_ls_shell.wR_factor_R_work 
_refine_ls_shell.pdbx_R_complete 
_refine_ls_shell.pdbx_total_number_of_bins_used 
_refine_ls_shell.pdbx_phase_error 
_refine_ls_shell.pdbx_fsc_work 
_refine_ls_shell.pdbx_fsc_free 
'X-RAY DIFFRACTION' 2.0001 2.1055 . . 123 796 100.0000 . . . 0.3112 0.0000 0.2401 . . . . . . . . . . . 
'X-RAY DIFFRACTION' 2.1055 2.2373 . . 121 825 100.0000 . . . 0.3558 0.0000 0.2485 . . . . . . . . . . . 
'X-RAY DIFFRACTION' 2.2373 2.4100 . . 137 801 100.0000 . . . 0.2791 0.0000 0.2513 . . . . . . . . . . . 
'X-RAY DIFFRACTION' 2.4100 2.6523 . . 121 818 100.0000 . . . 0.3337 0.0000 0.2623 . . . . . . . . . . . 
'X-RAY DIFFRACTION' 2.6523 3.0355 . . 147 812 100.0000 . . . 0.2499 0.0000 0.2512 . . . . . . . . . . . 
'X-RAY DIFFRACTION' 3.0355 3.8224 . . 144 833 100.0000 . . . 0.2382 0.0000 0.2405 . . . . . . . . . . . 
'X-RAY DIFFRACTION' 3.8224 25     . . 142 911 100.0000 . . . 0.2468 0.0000 0.2039 . . . . . . . . . . . 
# 
_struct.entry_id                     8HCK 
_struct.title                        'NMR fragment-based screening against the two PDZ do-mains of MDA-9' 
_struct.pdbx_model_details           ? 
_struct.pdbx_formula_weight          ? 
_struct.pdbx_formula_weight_method   ? 
_struct.pdbx_model_type_details      ? 
_struct.pdbx_CASP_flag               N 
# 
_struct_keywords.entry_id        8HCK 
_struct_keywords.text            'e.g.MDA-9, PDZdomain, inhibitor, therapeutic target, CELL INVASION' 
_struct_keywords.pdbx_keywords   'CELL INVASION' 
# 
loop_
_struct_asym.id 
_struct_asym.pdbx_blank_PDB_chainid_flag 
_struct_asym.pdbx_modified 
_struct_asym.entity_id 
_struct_asym.details 
A N N 1 ? 
B N N 2 ? 
C N N 3 ? 
D N N 3 ? 
E N N 4 ? 
F N N 4 ? 
G N N 5 ? 
# 
_struct_ref.id                         1 
_struct_ref.db_name                    UNP 
_struct_ref.db_code                    SDCB1_HUMAN 
_struct_ref.pdbx_db_accession          O00560 
_struct_ref.pdbx_db_isoform            ? 
_struct_ref.entity_id                  1 
_struct_ref.pdbx_seq_one_letter_code   REVILCKDQDGKIGLRLKSIDNGIFVQLVQANSPASLVGLRFGDQVLQINGENCAGWSSDKAHKVLKQAFGEKITMTIR 
_struct_ref.pdbx_align_begin           113 
# 
_struct_ref_seq.align_id                      1 
_struct_ref_seq.ref_id                        1 
_struct_ref_seq.pdbx_PDB_id_code              8HCK 
_struct_ref_seq.pdbx_strand_id                A 
_struct_ref_seq.seq_align_beg                 3 
_struct_ref_seq.pdbx_seq_align_beg_ins_code   ? 
_struct_ref_seq.seq_align_end                 81 
_struct_ref_seq.pdbx_seq_align_end_ins_code   ? 
_struct_ref_seq.pdbx_db_accession             O00560 
_struct_ref_seq.db_align_beg                  113 
_struct_ref_seq.pdbx_db_align_beg_ins_code    ? 
_struct_ref_seq.db_align_end                  191 
_struct_ref_seq.pdbx_db_align_end_ins_code    ? 
_struct_ref_seq.pdbx_auth_seq_align_beg       1 
_struct_ref_seq.pdbx_auth_seq_align_end       79 
# 
loop_
_struct_ref_seq_dif.align_id 
_struct_ref_seq_dif.pdbx_pdb_id_code 
_struct_ref_seq_dif.mon_id 
_struct_ref_seq_dif.pdbx_pdb_strand_id 
_struct_ref_seq_dif.seq_num 
_struct_ref_seq_dif.pdbx_pdb_ins_code 
_struct_ref_seq_dif.pdbx_seq_db_name 
_struct_ref_seq_dif.pdbx_seq_db_accession_code 
_struct_ref_seq_dif.db_mon_id 
_struct_ref_seq_dif.pdbx_seq_db_seq_num 
_struct_ref_seq_dif.details 
_struct_ref_seq_dif.pdbx_auth_seq_num 
_struct_ref_seq_dif.pdbx_ordinal 
1 8HCK MET A 1 ? UNP O00560 ? ? 'initiating methionine' -1 1 
1 8HCK HIS A 2 ? UNP O00560 ? ? 'expression tag'        0  2 
# 
_pdbx_struct_assembly.id                   1 
_pdbx_struct_assembly.details              author_and_software_defined_assembly 
_pdbx_struct_assembly.method_details       PISA 
_pdbx_struct_assembly.oligomeric_details   dimeric 
_pdbx_struct_assembly.oligomeric_count     2 
# 
loop_
_pdbx_struct_assembly_prop.biol_id 
_pdbx_struct_assembly_prop.type 
_pdbx_struct_assembly_prop.value 
_pdbx_struct_assembly_prop.details 
1 'ABSA (A^2)' 2390  ? 
1 MORE         -62   ? 
1 'SSA (A^2)'  10480 ? 
# 
_pdbx_struct_assembly_gen.assembly_id       1 
_pdbx_struct_assembly_gen.oper_expression   1,2 
_pdbx_struct_assembly_gen.asym_id_list      A,B,C,D,E,F,G 
# 
_pdbx_struct_assembly_auth_evidence.id                     1 
_pdbx_struct_assembly_auth_evidence.assembly_id            1 
_pdbx_struct_assembly_auth_evidence.experimental_support   none 
_pdbx_struct_assembly_auth_evidence.details                ? 
# 
loop_
_pdbx_struct_oper_list.id 
_pdbx_struct_oper_list.type 
_pdbx_struct_oper_list.name 
_pdbx_struct_oper_list.symmetry_operation 
_pdbx_struct_oper_list.matrix[1][1] 
_pdbx_struct_oper_list.matrix[1][2] 
_pdbx_struct_oper_list.matrix[1][3] 
_pdbx_struct_oper_list.vector[1] 
_pdbx_struct_oper_list.matrix[2][1] 
_pdbx_struct_oper_list.matrix[2][2] 
_pdbx_struct_oper_list.matrix[2][3] 
_pdbx_struct_oper_list.vector[2] 
_pdbx_struct_oper_list.matrix[3][1] 
_pdbx_struct_oper_list.matrix[3][2] 
_pdbx_struct_oper_list.matrix[3][3] 
_pdbx_struct_oper_list.vector[3] 
1 'identity operation'         1_555 x,y,z   1.0000000000  0.0000000000 0.0000000000 0.0000000000  0.0000000000 1.0000000000  0.0000000000 0.0000000000   0.0000000000 0.0000000000 1.0000000000 0.0000000000 
2 'crystal symmetry operation' 5_555 -x,y,-z -0.6786950600 0.3998900494 0.6160040291 19.1557117262 0.3998900494 -0.5023044102 0.7666669602 -17.0587635414 0.6160040291 0.7666669602 0.1809994702 1.0824685509 
# 
loop_
_struct_conf.conf_type_id 
_struct_conf.id 
_struct_conf.pdbx_PDB_helix_id 
_struct_conf.beg_label_comp_id 
_struct_conf.beg_label_asym_id 
_struct_conf.beg_label_seq_id 
_struct_conf.pdbx_beg_PDB_ins_code 
_struct_conf.end_label_comp_id 
_struct_conf.end_label_asym_id 
_struct_conf.end_label_seq_id 
_struct_conf.pdbx_end_PDB_ins_code 
_struct_conf.beg_auth_comp_id 
_struct_conf.beg_auth_asym_id 
_struct_conf.beg_auth_seq_id 
_struct_conf.end_auth_comp_id 
_struct_conf.end_auth_asym_id 
_struct_conf.end_auth_seq_id 
_struct_conf.pdbx_PDB_helix_class 
_struct_conf.details 
_struct_conf.pdbx_PDB_helix_length 
HELX_P HELX_P1 AA1 SER A 35 ? VAL A 40 ? SER A 33 VAL A 38 1 ? 6  
HELX_P HELX_P2 AA2 SER A 60 ? GLN A 70 ? SER A 58 GLN A 68 1 ? 11 
# 
_struct_conf_type.id          HELX_P 
_struct_conf_type.criteria    ? 
_struct_conf_type.reference   ? 
# 
_struct_conn.id                            disulf1 
_struct_conn.conn_type_id                  disulf 
_struct_conn.pdbx_leaving_atom_flag        ? 
_struct_conn.pdbx_PDB_id                   ? 
_struct_conn.ptnr1_label_asym_id           A 
_struct_conn.ptnr1_label_comp_id           CYS 
_struct_conn.ptnr1_label_seq_id            8 
_struct_conn.ptnr1_label_atom_id           SG 
_struct_conn.pdbx_ptnr1_label_alt_id       ? 
_struct_conn.pdbx_ptnr1_PDB_ins_code       ? 
_struct_conn.pdbx_ptnr1_standard_comp_id   ? 
_struct_conn.ptnr1_symmetry                1_555 
_struct_conn.ptnr2_label_asym_id           A 
_struct_conn.ptnr2_label_comp_id           CYS 
_struct_conn.ptnr2_label_seq_id            8 
_struct_conn.ptnr2_label_atom_id           SG 
_struct_conn.pdbx_ptnr2_label_alt_id       ? 
_struct_conn.pdbx_ptnr2_PDB_ins_code       ? 
_struct_conn.ptnr1_auth_asym_id            A 
_struct_conn.ptnr1_auth_comp_id            CYS 
_struct_conn.ptnr1_auth_seq_id             6 
_struct_conn.ptnr2_auth_asym_id            A 
_struct_conn.ptnr2_auth_comp_id            CYS 
_struct_conn.ptnr2_auth_seq_id             6 
_struct_conn.ptnr2_symmetry                5_555 
_struct_conn.pdbx_ptnr3_label_atom_id      ? 
_struct_conn.pdbx_ptnr3_label_seq_id       ? 
_struct_conn.pdbx_ptnr3_label_comp_id      ? 
_struct_conn.pdbx_ptnr3_label_asym_id      ? 
_struct_conn.pdbx_ptnr3_label_alt_id       ? 
_struct_conn.pdbx_ptnr3_PDB_ins_code       ? 
_struct_conn.details                       ? 
_struct_conn.pdbx_dist_value               2.051 
_struct_conn.pdbx_value_order              ? 
_struct_conn.pdbx_role                     ? 
# 
_struct_conn_type.id          disulf 
_struct_conn_type.criteria    ? 
_struct_conn_type.reference   ? 
# 
_pdbx_modification_feature.ordinal                            1 
_pdbx_modification_feature.label_comp_id                      CYS 
_pdbx_modification_feature.label_asym_id                      A 
_pdbx_modification_feature.label_seq_id                       8 
_pdbx_modification_feature.label_alt_id                       ? 
_pdbx_modification_feature.modified_residue_label_comp_id     CYS 
_pdbx_modification_feature.modified_residue_label_asym_id     A 
_pdbx_modification_feature.modified_residue_label_seq_id      8 
_pdbx_modification_feature.modified_residue_label_alt_id      ? 
_pdbx_modification_feature.auth_comp_id                       CYS 
_pdbx_modification_feature.auth_asym_id                       A 
_pdbx_modification_feature.auth_seq_id                        6 
_pdbx_modification_feature.PDB_ins_code                       ? 
_pdbx_modification_feature.symmetry                           1_555 
_pdbx_modification_feature.modified_residue_auth_comp_id      CYS 
_pdbx_modification_feature.modified_residue_auth_asym_id      A 
_pdbx_modification_feature.modified_residue_auth_seq_id       6 
_pdbx_modification_feature.modified_residue_PDB_ins_code      ? 
_pdbx_modification_feature.modified_residue_symmetry          5_555 
_pdbx_modification_feature.comp_id_linking_atom               SG 
_pdbx_modification_feature.modified_residue_id_linking_atom   SG 
_pdbx_modification_feature.modified_residue_id                . 
_pdbx_modification_feature.ref_pcm_id                         . 
_pdbx_modification_feature.ref_comp_id                        . 
_pdbx_modification_feature.type                               None 
_pdbx_modification_feature.category                           'Disulfide bridge' 
# 
loop_
_struct_sheet.id 
_struct_sheet.type 
_struct_sheet.number_strands 
_struct_sheet.details 
AA1 ? 5 ? 
AA2 ? 4 ? 
# 
loop_
_struct_sheet_order.sheet_id 
_struct_sheet_order.range_id_1 
_struct_sheet_order.range_id_2 
_struct_sheet_order.offset 
_struct_sheet_order.sense 
AA1 1 2 ? anti-parallel 
AA1 2 3 ? anti-parallel 
AA1 3 4 ? anti-parallel 
AA1 4 5 ? anti-parallel 
AA2 1 2 ? anti-parallel 
AA2 2 3 ? anti-parallel 
AA2 3 4 ? anti-parallel 
# 
loop_
_struct_sheet_range.sheet_id 
_struct_sheet_range.id 
_struct_sheet_range.beg_label_comp_id 
_struct_sheet_range.beg_label_asym_id 
_struct_sheet_range.beg_label_seq_id 
_struct_sheet_range.pdbx_beg_PDB_ins_code 
_struct_sheet_range.end_label_comp_id 
_struct_sheet_range.end_label_asym_id 
_struct_sheet_range.end_label_seq_id 
_struct_sheet_range.pdbx_end_PDB_ins_code 
_struct_sheet_range.beg_auth_comp_id 
_struct_sheet_range.beg_auth_asym_id 
_struct_sheet_range.beg_auth_seq_id 
_struct_sheet_range.end_auth_comp_id 
_struct_sheet_range.end_auth_asym_id 
_struct_sheet_range.end_auth_seq_id 
AA1 1 ARG A 3  ? CYS A 8  ? ARG A 1  CYS A 6  
AA1 2 LYS A 75 ? ARG A 81 ? LYS A 73 ARG A 79 
AA1 3 GLN A 47 ? ILE A 51 ? GLN A 45 ILE A 49 
AA1 4 GLY A 25 ? VAL A 31 ? GLY A 23 VAL A 29 
AA1 5 LEU A 17 ? ILE A 22 ? LEU A 15 ILE A 20 
AA2 1 ARG A 3  ? CYS A 8  ? ARG A 1  CYS A 6  
AA2 2 LYS A 75 ? ARG A 81 ? LYS A 73 ARG A 79 
AA2 3 GLN A 47 ? ILE A 51 ? GLN A 45 ILE A 49 
AA2 4 GLU A 54 ? ASN A 55 ? GLU A 52 ASN A 53 
# 
loop_
_pdbx_struct_sheet_hbond.sheet_id 
_pdbx_struct_sheet_hbond.range_id_1 
_pdbx_struct_sheet_hbond.range_id_2 
_pdbx_struct_sheet_hbond.range_1_label_atom_id 
_pdbx_struct_sheet_hbond.range_1_label_comp_id 
_pdbx_struct_sheet_hbond.range_1_label_asym_id 
_pdbx_struct_sheet_hbond.range_1_label_seq_id 
_pdbx_struct_sheet_hbond.range_1_PDB_ins_code 
_pdbx_struct_sheet_hbond.range_1_auth_atom_id 
_pdbx_struct_sheet_hbond.range_1_auth_comp_id 
_pdbx_struct_sheet_hbond.range_1_auth_asym_id 
_pdbx_struct_sheet_hbond.range_1_auth_seq_id 
_pdbx_struct_sheet_hbond.range_2_label_atom_id 
_pdbx_struct_sheet_hbond.range_2_label_comp_id 
_pdbx_struct_sheet_hbond.range_2_label_asym_id 
_pdbx_struct_sheet_hbond.range_2_label_seq_id 
_pdbx_struct_sheet_hbond.range_2_PDB_ins_code 
_pdbx_struct_sheet_hbond.range_2_auth_atom_id 
_pdbx_struct_sheet_hbond.range_2_auth_comp_id 
_pdbx_struct_sheet_hbond.range_2_auth_asym_id 
_pdbx_struct_sheet_hbond.range_2_auth_seq_id 
AA1 1 2 N LEU A 7  ? N LEU A 5  O ILE A 76 ? O ILE A 74 
AA1 2 3 O THR A 79 ? O THR A 77 N LEU A 49 ? N LEU A 47 
AA1 3 4 O VAL A 48 ? O VAL A 46 N ILE A 26 ? N ILE A 24 
AA1 4 5 O PHE A 27 ? O PHE A 25 N LYS A 20 ? N LYS A 18 
AA2 1 2 N LEU A 7  ? N LEU A 5  O ILE A 76 ? O ILE A 74 
AA2 2 3 O THR A 79 ? O THR A 77 N LEU A 49 ? N LEU A 47 
AA2 3 4 N ILE A 51 ? N ILE A 49 O GLU A 54 ? O GLU A 52 
# 
_pdbx_entry_details.entry_id                   8HCK 
_pdbx_entry_details.has_ligand_of_interest     Y 
_pdbx_entry_details.compound_details           ? 
_pdbx_entry_details.source_details             ? 
_pdbx_entry_details.nonpolymer_details         ? 
_pdbx_entry_details.sequence_details           ? 
_pdbx_entry_details.has_protein_modification   Y 
# 
_pdbx_struct_special_symmetry.id              1 
_pdbx_struct_special_symmetry.PDB_model_num   1 
_pdbx_struct_special_symmetry.auth_asym_id    A 
_pdbx_struct_special_symmetry.auth_comp_id    HOH 
_pdbx_struct_special_symmetry.auth_seq_id     214 
_pdbx_struct_special_symmetry.PDB_ins_code    ? 
_pdbx_struct_special_symmetry.label_asym_id   G 
_pdbx_struct_special_symmetry.label_comp_id   HOH 
_pdbx_struct_special_symmetry.label_seq_id    . 
# 
loop_
_chem_comp_atom.comp_id 
_chem_comp_atom.atom_id 
_chem_comp_atom.type_symbol 
_chem_comp_atom.pdbx_aromatic_flag 
_chem_comp_atom.pdbx_stereo_config 
_chem_comp_atom.pdbx_ordinal 
ALA N    N N N 1   
ALA CA   C N S 2   
ALA C    C N N 3   
ALA O    O N N 4   
ALA CB   C N N 5   
ALA OXT  O N N 6   
ALA H    H N N 7   
ALA H2   H N N 8   
ALA HA   H N N 9   
ALA HB1  H N N 10  
ALA HB2  H N N 11  
ALA HB3  H N N 12  
ALA HXT  H N N 13  
ARG N    N N N 14  
ARG CA   C N S 15  
ARG C    C N N 16  
ARG O    O N N 17  
ARG CB   C N N 18  
ARG CG   C N N 19  
ARG CD   C N N 20  
ARG NE   N N N 21  
ARG CZ   C N N 22  
ARG NH1  N N N 23  
ARG NH2  N N N 24  
ARG OXT  O N N 25  
ARG H    H N N 26  
ARG H2   H N N 27  
ARG HA   H N N 28  
ARG HB2  H N N 29  
ARG HB3  H N N 30  
ARG HG2  H N N 31  
ARG HG3  H N N 32  
ARG HD2  H N N 33  
ARG HD3  H N N 34  
ARG HE   H N N 35  
ARG HH11 H N N 36  
ARG HH12 H N N 37  
ARG HH21 H N N 38  
ARG HH22 H N N 39  
ARG HXT  H N N 40  
ASN N    N N N 41  
ASN CA   C N S 42  
ASN C    C N N 43  
ASN O    O N N 44  
ASN CB   C N N 45  
ASN CG   C N N 46  
ASN OD1  O N N 47  
ASN ND2  N N N 48  
ASN OXT  O N N 49  
ASN H    H N N 50  
ASN H2   H N N 51  
ASN HA   H N N 52  
ASN HB2  H N N 53  
ASN HB3  H N N 54  
ASN HD21 H N N 55  
ASN HD22 H N N 56  
ASN HXT  H N N 57  
ASP N    N N N 58  
ASP CA   C N S 59  
ASP C    C N N 60  
ASP O    O N N 61  
ASP CB   C N N 62  
ASP CG   C N N 63  
ASP OD1  O N N 64  
ASP OD2  O N N 65  
ASP OXT  O N N 66  
ASP H    H N N 67  
ASP H2   H N N 68  
ASP HA   H N N 69  
ASP HB2  H N N 70  
ASP HB3  H N N 71  
ASP HD2  H N N 72  
ASP HXT  H N N 73  
CYS N    N N N 74  
CYS CA   C N R 75  
CYS C    C N N 76  
CYS O    O N N 77  
CYS CB   C N N 78  
CYS SG   S N N 79  
CYS OXT  O N N 80  
CYS H    H N N 81  
CYS H2   H N N 82  
CYS HA   H N N 83  
CYS HB2  H N N 84  
CYS HB3  H N N 85  
CYS HG   H N N 86  
CYS HXT  H N N 87  
GLN N    N N N 88  
GLN CA   C N S 89  
GLN C    C N N 90  
GLN O    O N N 91  
GLN CB   C N N 92  
GLN CG   C N N 93  
GLN CD   C N N 94  
GLN OE1  O N N 95  
GLN NE2  N N N 96  
GLN OXT  O N N 97  
GLN H    H N N 98  
GLN H2   H N N 99  
GLN HA   H N N 100 
GLN HB2  H N N 101 
GLN HB3  H N N 102 
GLN HG2  H N N 103 
GLN HG3  H N N 104 
GLN HE21 H N N 105 
GLN HE22 H N N 106 
GLN HXT  H N N 107 
GLU N    N N N 108 
GLU CA   C N S 109 
GLU C    C N N 110 
GLU O    O N N 111 
GLU CB   C N N 112 
GLU CG   C N N 113 
GLU CD   C N N 114 
GLU OE1  O N N 115 
GLU OE2  O N N 116 
GLU OXT  O N N 117 
GLU H    H N N 118 
GLU H2   H N N 119 
GLU HA   H N N 120 
GLU HB2  H N N 121 
GLU HB3  H N N 122 
GLU HG2  H N N 123 
GLU HG3  H N N 124 
GLU HE2  H N N 125 
GLU HXT  H N N 126 
GLY N    N N N 127 
GLY CA   C N N 128 
GLY C    C N N 129 
GLY O    O N N 130 
GLY OXT  O N N 131 
GLY H    H N N 132 
GLY H2   H N N 133 
GLY HA2  H N N 134 
GLY HA3  H N N 135 
GLY HXT  H N N 136 
GOL C1   C N N 137 
GOL O1   O N N 138 
GOL C2   C N N 139 
GOL O2   O N N 140 
GOL C3   C N N 141 
GOL O3   O N N 142 
GOL H11  H N N 143 
GOL H12  H N N 144 
GOL HO1  H N N 145 
GOL H2   H N N 146 
GOL HO2  H N N 147 
GOL H31  H N N 148 
GOL H32  H N N 149 
GOL HO3  H N N 150 
HIS N    N N N 151 
HIS CA   C N S 152 
HIS C    C N N 153 
HIS O    O N N 154 
HIS CB   C N N 155 
HIS CG   C Y N 156 
HIS ND1  N Y N 157 
HIS CD2  C Y N 158 
HIS CE1  C Y N 159 
HIS NE2  N Y N 160 
HIS OXT  O N N 161 
HIS H    H N N 162 
HIS H2   H N N 163 
HIS HA   H N N 164 
HIS HB2  H N N 165 
HIS HB3  H N N 166 
HIS HD1  H N N 167 
HIS HD2  H N N 168 
HIS HE1  H N N 169 
HIS HE2  H N N 170 
HIS HXT  H N N 171 
HOH O    O N N 172 
HOH H1   H N N 173 
HOH H2   H N N 174 
ILE N    N N N 175 
ILE CA   C N S 176 
ILE C    C N N 177 
ILE O    O N N 178 
ILE CB   C N S 179 
ILE CG1  C N N 180 
ILE CG2  C N N 181 
ILE CD1  C N N 182 
ILE OXT  O N N 183 
ILE H    H N N 184 
ILE H2   H N N 185 
ILE HA   H N N 186 
ILE HB   H N N 187 
ILE HG12 H N N 188 
ILE HG13 H N N 189 
ILE HG21 H N N 190 
ILE HG22 H N N 191 
ILE HG23 H N N 192 
ILE HD11 H N N 193 
ILE HD12 H N N 194 
ILE HD13 H N N 195 
ILE HXT  H N N 196 
LEU N    N N N 197 
LEU CA   C N S 198 
LEU C    C N N 199 
LEU O    O N N 200 
LEU CB   C N N 201 
LEU CG   C N N 202 
LEU CD1  C N N 203 
LEU CD2  C N N 204 
LEU OXT  O N N 205 
LEU H    H N N 206 
LEU H2   H N N 207 
LEU HA   H N N 208 
LEU HB2  H N N 209 
LEU HB3  H N N 210 
LEU HG   H N N 211 
LEU HD11 H N N 212 
LEU HD12 H N N 213 
LEU HD13 H N N 214 
LEU HD21 H N N 215 
LEU HD22 H N N 216 
LEU HD23 H N N 217 
LEU HXT  H N N 218 
LYS N    N N N 219 
LYS CA   C N S 220 
LYS C    C N N 221 
LYS O    O N N 222 
LYS CB   C N N 223 
LYS CG   C N N 224 
LYS CD   C N N 225 
LYS CE   C N N 226 
LYS NZ   N N N 227 
LYS OXT  O N N 228 
LYS H    H N N 229 
LYS H2   H N N 230 
LYS HA   H N N 231 
LYS HB2  H N N 232 
LYS HB3  H N N 233 
LYS HG2  H N N 234 
LYS HG3  H N N 235 
LYS HD2  H N N 236 
LYS HD3  H N N 237 
LYS HE2  H N N 238 
LYS HE3  H N N 239 
LYS HZ1  H N N 240 
LYS HZ2  H N N 241 
LYS HZ3  H N N 242 
LYS HXT  H N N 243 
MET N    N N N 244 
MET CA   C N S 245 
MET C    C N N 246 
MET O    O N N 247 
MET CB   C N N 248 
MET CG   C N N 249 
MET SD   S N N 250 
MET CE   C N N 251 
MET OXT  O N N 252 
MET H    H N N 253 
MET H2   H N N 254 
MET HA   H N N 255 
MET HB2  H N N 256 
MET HB3  H N N 257 
MET HG2  H N N 258 
MET HG3  H N N 259 
MET HE1  H N N 260 
MET HE2  H N N 261 
MET HE3  H N N 262 
MET HXT  H N N 263 
P1Z C16  C Y N 264 
P1Z C17  C Y N 265 
P1Z C12  C Y N 266 
P1Z C13  C Y N 267 
P1Z C14  C Y N 268 
P1Z C15  C Y N 269 
P1Z C8   C Y N 270 
P1Z C9   C Y N 271 
P1Z C10  C Y N 272 
P1Z C11  C Y N 273 
P1Z C6   C Y N 274 
P1Z C7   C Y N 275 
P1Z C21  C N N 276 
P1Z C20  C N N 277 
P1Z C19  C N N 278 
P1Z C18  C N N 279 
P1Z N2   N N N 280 
P1Z C3   C N N 281 
P1Z C4   C N N 282 
P1Z C5   C N N 283 
P1Z N1   N N N 284 
P1Z O3   O N N 285 
P1Z O5   O N N 286 
P1Z H16  H N N 287 
P1Z H17  H N N 288 
P1Z H13  H N N 289 
P1Z H14  H N N 290 
P1Z H15  H N N 291 
P1Z H8   H N N 292 
P1Z H9   H N N 293 
P1Z H10  H N N 294 
P1Z H11  H N N 295 
P1Z H7   H N N 296 
P1Z H211 H N N 297 
P1Z H212 H N N 298 
P1Z H213 H N N 299 
P1Z H201 H N N 300 
P1Z H202 H N N 301 
P1Z H191 H N N 302 
P1Z H192 H N N 303 
P1Z H181 H N N 304 
P1Z H182 H N N 305 
P1Z H4   H N N 306 
PHE N    N N N 307 
PHE CA   C N S 308 
PHE C    C N N 309 
PHE O    O N N 310 
PHE CB   C N N 311 
PHE CG   C Y N 312 
PHE CD1  C Y N 313 
PHE CD2  C Y N 314 
PHE CE1  C Y N 315 
PHE CE2  C Y N 316 
PHE CZ   C Y N 317 
PHE OXT  O N N 318 
PHE H    H N N 319 
PHE H2   H N N 320 
PHE HA   H N N 321 
PHE HB2  H N N 322 
PHE HB3  H N N 323 
PHE HD1  H N N 324 
PHE HD2  H N N 325 
PHE HE1  H N N 326 
PHE HE2  H N N 327 
PHE HZ   H N N 328 
PHE HXT  H N N 329 
PRO N    N N N 330 
PRO CA   C N S 331 
PRO C    C N N 332 
PRO O    O N N 333 
PRO CB   C N N 334 
PRO CG   C N N 335 
PRO CD   C N N 336 
PRO OXT  O N N 337 
PRO H    H N N 338 
PRO HA   H N N 339 
PRO HB2  H N N 340 
PRO HB3  H N N 341 
PRO HG2  H N N 342 
PRO HG3  H N N 343 
PRO HD2  H N N 344 
PRO HD3  H N N 345 
PRO HXT  H N N 346 
SER N    N N N 347 
SER CA   C N S 348 
SER C    C N N 349 
SER O    O N N 350 
SER CB   C N N 351 
SER OG   O N N 352 
SER OXT  O N N 353 
SER H    H N N 354 
SER H2   H N N 355 
SER HA   H N N 356 
SER HB2  H N N 357 
SER HB3  H N N 358 
SER HG   H N N 359 
SER HXT  H N N 360 
SO4 S    S N N 361 
SO4 O1   O N N 362 
SO4 O2   O N N 363 
SO4 O3   O N N 364 
SO4 O4   O N N 365 
THR N    N N N 366 
THR CA   C N S 367 
THR C    C N N 368 
THR O    O N N 369 
THR CB   C N R 370 
THR OG1  O N N 371 
THR CG2  C N N 372 
THR OXT  O N N 373 
THR H    H N N 374 
THR H2   H N N 375 
THR HA   H N N 376 
THR HB   H N N 377 
THR HG1  H N N 378 
THR HG21 H N N 379 
THR HG22 H N N 380 
THR HG23 H N N 381 
THR HXT  H N N 382 
TRP N    N N N 383 
TRP CA   C N S 384 
TRP C    C N N 385 
TRP O    O N N 386 
TRP CB   C N N 387 
TRP CG   C Y N 388 
TRP CD1  C Y N 389 
TRP CD2  C Y N 390 
TRP NE1  N Y N 391 
TRP CE2  C Y N 392 
TRP CE3  C Y N 393 
TRP CZ2  C Y N 394 
TRP CZ3  C Y N 395 
TRP CH2  C Y N 396 
TRP OXT  O N N 397 
TRP H    H N N 398 
TRP H2   H N N 399 
TRP HA   H N N 400 
TRP HB2  H N N 401 
TRP HB3  H N N 402 
TRP HD1  H N N 403 
TRP HE1  H N N 404 
TRP HE3  H N N 405 
TRP HZ2  H N N 406 
TRP HZ3  H N N 407 
TRP HH2  H N N 408 
TRP HXT  H N N 409 
VAL N    N N N 410 
VAL CA   C N S 411 
VAL C    C N N 412 
VAL O    O N N 413 
VAL CB   C N N 414 
VAL CG1  C N N 415 
VAL CG2  C N N 416 
VAL OXT  O N N 417 
VAL H    H N N 418 
VAL H2   H N N 419 
VAL HA   H N N 420 
VAL HB   H N N 421 
VAL HG11 H N N 422 
VAL HG12 H N N 423 
VAL HG13 H N N 424 
VAL HG21 H N N 425 
VAL HG22 H N N 426 
VAL HG23 H N N 427 
VAL HXT  H N N 428 
# 
loop_
_chem_comp_bond.comp_id 
_chem_comp_bond.atom_id_1 
_chem_comp_bond.atom_id_2 
_chem_comp_bond.value_order 
_chem_comp_bond.pdbx_aromatic_flag 
_chem_comp_bond.pdbx_stereo_config 
_chem_comp_bond.pdbx_ordinal 
ALA N   CA   sing N N 1   
ALA N   H    sing N N 2   
ALA N   H2   sing N N 3   
ALA CA  C    sing N N 4   
ALA CA  CB   sing N N 5   
ALA CA  HA   sing N N 6   
ALA C   O    doub N N 7   
ALA C   OXT  sing N N 8   
ALA CB  HB1  sing N N 9   
ALA CB  HB2  sing N N 10  
ALA CB  HB3  sing N N 11  
ALA OXT HXT  sing N N 12  
ARG N   CA   sing N N 13  
ARG N   H    sing N N 14  
ARG N   H2   sing N N 15  
ARG CA  C    sing N N 16  
ARG CA  CB   sing N N 17  
ARG CA  HA   sing N N 18  
ARG C   O    doub N N 19  
ARG C   OXT  sing N N 20  
ARG CB  CG   sing N N 21  
ARG CB  HB2  sing N N 22  
ARG CB  HB3  sing N N 23  
ARG CG  CD   sing N N 24  
ARG CG  HG2  sing N N 25  
ARG CG  HG3  sing N N 26  
ARG CD  NE   sing N N 27  
ARG CD  HD2  sing N N 28  
ARG CD  HD3  sing N N 29  
ARG NE  CZ   sing N N 30  
ARG NE  HE   sing N N 31  
ARG CZ  NH1  sing N N 32  
ARG CZ  NH2  doub N N 33  
ARG NH1 HH11 sing N N 34  
ARG NH1 HH12 sing N N 35  
ARG NH2 HH21 sing N N 36  
ARG NH2 HH22 sing N N 37  
ARG OXT HXT  sing N N 38  
ASN N   CA   sing N N 39  
ASN N   H    sing N N 40  
ASN N   H2   sing N N 41  
ASN CA  C    sing N N 42  
ASN CA  CB   sing N N 43  
ASN CA  HA   sing N N 44  
ASN C   O    doub N N 45  
ASN C   OXT  sing N N 46  
ASN CB  CG   sing N N 47  
ASN CB  HB2  sing N N 48  
ASN CB  HB3  sing N N 49  
ASN CG  OD1  doub N N 50  
ASN CG  ND2  sing N N 51  
ASN ND2 HD21 sing N N 52  
ASN ND2 HD22 sing N N 53  
ASN OXT HXT  sing N N 54  
ASP N   CA   sing N N 55  
ASP N   H    sing N N 56  
ASP N   H2   sing N N 57  
ASP CA  C    sing N N 58  
ASP CA  CB   sing N N 59  
ASP CA  HA   sing N N 60  
ASP C   O    doub N N 61  
ASP C   OXT  sing N N 62  
ASP CB  CG   sing N N 63  
ASP CB  HB2  sing N N 64  
ASP CB  HB3  sing N N 65  
ASP CG  OD1  doub N N 66  
ASP CG  OD2  sing N N 67  
ASP OD2 HD2  sing N N 68  
ASP OXT HXT  sing N N 69  
CYS N   CA   sing N N 70  
CYS N   H    sing N N 71  
CYS N   H2   sing N N 72  
CYS CA  C    sing N N 73  
CYS CA  CB   sing N N 74  
CYS CA  HA   sing N N 75  
CYS C   O    doub N N 76  
CYS C   OXT  sing N N 77  
CYS CB  SG   sing N N 78  
CYS CB  HB2  sing N N 79  
CYS CB  HB3  sing N N 80  
CYS SG  HG   sing N N 81  
CYS OXT HXT  sing N N 82  
GLN N   CA   sing N N 83  
GLN N   H    sing N N 84  
GLN N   H2   sing N N 85  
GLN CA  C    sing N N 86  
GLN CA  CB   sing N N 87  
GLN CA  HA   sing N N 88  
GLN C   O    doub N N 89  
GLN C   OXT  sing N N 90  
GLN CB  CG   sing N N 91  
GLN CB  HB2  sing N N 92  
GLN CB  HB3  sing N N 93  
GLN CG  CD   sing N N 94  
GLN CG  HG2  sing N N 95  
GLN CG  HG3  sing N N 96  
GLN CD  OE1  doub N N 97  
GLN CD  NE2  sing N N 98  
GLN NE2 HE21 sing N N 99  
GLN NE2 HE22 sing N N 100 
GLN OXT HXT  sing N N 101 
GLU N   CA   sing N N 102 
GLU N   H    sing N N 103 
GLU N   H2   sing N N 104 
GLU CA  C    sing N N 105 
GLU CA  CB   sing N N 106 
GLU CA  HA   sing N N 107 
GLU C   O    doub N N 108 
GLU C   OXT  sing N N 109 
GLU CB  CG   sing N N 110 
GLU CB  HB2  sing N N 111 
GLU CB  HB3  sing N N 112 
GLU CG  CD   sing N N 113 
GLU CG  HG2  sing N N 114 
GLU CG  HG3  sing N N 115 
GLU CD  OE1  doub N N 116 
GLU CD  OE2  sing N N 117 
GLU OE2 HE2  sing N N 118 
GLU OXT HXT  sing N N 119 
GLY N   CA   sing N N 120 
GLY N   H    sing N N 121 
GLY N   H2   sing N N 122 
GLY CA  C    sing N N 123 
GLY CA  HA2  sing N N 124 
GLY CA  HA3  sing N N 125 
GLY C   O    doub N N 126 
GLY C   OXT  sing N N 127 
GLY OXT HXT  sing N N 128 
GOL C1  O1   sing N N 129 
GOL C1  C2   sing N N 130 
GOL C1  H11  sing N N 131 
GOL C1  H12  sing N N 132 
GOL O1  HO1  sing N N 133 
GOL C2  O2   sing N N 134 
GOL C2  C3   sing N N 135 
GOL C2  H2   sing N N 136 
GOL O2  HO2  sing N N 137 
GOL C3  O3   sing N N 138 
GOL C3  H31  sing N N 139 
GOL C3  H32  sing N N 140 
GOL O3  HO3  sing N N 141 
HIS N   CA   sing N N 142 
HIS N   H    sing N N 143 
HIS N   H2   sing N N 144 
HIS CA  C    sing N N 145 
HIS CA  CB   sing N N 146 
HIS CA  HA   sing N N 147 
HIS C   O    doub N N 148 
HIS C   OXT  sing N N 149 
HIS CB  CG   sing N N 150 
HIS CB  HB2  sing N N 151 
HIS CB  HB3  sing N N 152 
HIS CG  ND1  sing Y N 153 
HIS CG  CD2  doub Y N 154 
HIS ND1 CE1  doub Y N 155 
HIS ND1 HD1  sing N N 156 
HIS CD2 NE2  sing Y N 157 
HIS CD2 HD2  sing N N 158 
HIS CE1 NE2  sing Y N 159 
HIS CE1 HE1  sing N N 160 
HIS NE2 HE2  sing N N 161 
HIS OXT HXT  sing N N 162 
HOH O   H1   sing N N 163 
HOH O   H2   sing N N 164 
ILE N   CA   sing N N 165 
ILE N   H    sing N N 166 
ILE N   H2   sing N N 167 
ILE CA  C    sing N N 168 
ILE CA  CB   sing N N 169 
ILE CA  HA   sing N N 170 
ILE C   O    doub N N 171 
ILE C   OXT  sing N N 172 
ILE CB  CG1  sing N N 173 
ILE CB  CG2  sing N N 174 
ILE CB  HB   sing N N 175 
ILE CG1 CD1  sing N N 176 
ILE CG1 HG12 sing N N 177 
ILE CG1 HG13 sing N N 178 
ILE CG2 HG21 sing N N 179 
ILE CG2 HG22 sing N N 180 
ILE CG2 HG23 sing N N 181 
ILE CD1 HD11 sing N N 182 
ILE CD1 HD12 sing N N 183 
ILE CD1 HD13 sing N N 184 
ILE OXT HXT  sing N N 185 
LEU N   CA   sing N N 186 
LEU N   H    sing N N 187 
LEU N   H2   sing N N 188 
LEU CA  C    sing N N 189 
LEU CA  CB   sing N N 190 
LEU CA  HA   sing N N 191 
LEU C   O    doub N N 192 
LEU C   OXT  sing N N 193 
LEU CB  CG   sing N N 194 
LEU CB  HB2  sing N N 195 
LEU CB  HB3  sing N N 196 
LEU CG  CD1  sing N N 197 
LEU CG  CD2  sing N N 198 
LEU CG  HG   sing N N 199 
LEU CD1 HD11 sing N N 200 
LEU CD1 HD12 sing N N 201 
LEU CD1 HD13 sing N N 202 
LEU CD2 HD21 sing N N 203 
LEU CD2 HD22 sing N N 204 
LEU CD2 HD23 sing N N 205 
LEU OXT HXT  sing N N 206 
LYS N   CA   sing N N 207 
LYS N   H    sing N N 208 
LYS N   H2   sing N N 209 
LYS CA  C    sing N N 210 
LYS CA  CB   sing N N 211 
LYS CA  HA   sing N N 212 
LYS C   O    doub N N 213 
LYS C   OXT  sing N N 214 
LYS CB  CG   sing N N 215 
LYS CB  HB2  sing N N 216 
LYS CB  HB3  sing N N 217 
LYS CG  CD   sing N N 218 
LYS CG  HG2  sing N N 219 
LYS CG  HG3  sing N N 220 
LYS CD  CE   sing N N 221 
LYS CD  HD2  sing N N 222 
LYS CD  HD3  sing N N 223 
LYS CE  NZ   sing N N 224 
LYS CE  HE2  sing N N 225 
LYS CE  HE3  sing N N 226 
LYS NZ  HZ1  sing N N 227 
LYS NZ  HZ2  sing N N 228 
LYS NZ  HZ3  sing N N 229 
LYS OXT HXT  sing N N 230 
MET N   CA   sing N N 231 
MET N   H    sing N N 232 
MET N   H2   sing N N 233 
MET CA  C    sing N N 234 
MET CA  CB   sing N N 235 
MET CA  HA   sing N N 236 
MET C   O    doub N N 237 
MET C   OXT  sing N N 238 
MET CB  CG   sing N N 239 
MET CB  HB2  sing N N 240 
MET CB  HB3  sing N N 241 
MET CG  SD   sing N N 242 
MET CG  HG2  sing N N 243 
MET CG  HG3  sing N N 244 
MET SD  CE   sing N N 245 
MET CE  HE1  sing N N 246 
MET CE  HE2  sing N N 247 
MET CE  HE3  sing N N 248 
MET OXT HXT  sing N N 249 
P1Z C16 C17  doub Y N 250 
P1Z C16 C15  sing Y N 251 
P1Z C16 H16  sing N N 252 
P1Z C17 C12  sing Y N 253 
P1Z C17 H17  sing N N 254 
P1Z C12 C13  doub Y N 255 
P1Z C12 N2   sing N N 256 
P1Z C13 C14  sing Y N 257 
P1Z C13 H13  sing N N 258 
P1Z C14 C15  doub Y N 259 
P1Z C14 H14  sing N N 260 
P1Z C15 H15  sing N N 261 
P1Z C8  C9   doub Y N 262 
P1Z C8  C7   sing Y N 263 
P1Z C8  H8   sing N N 264 
P1Z C9  C10  sing Y N 265 
P1Z C9  H9   sing N N 266 
P1Z C10 C11  doub Y N 267 
P1Z C10 H10  sing N N 268 
P1Z C11 C6   sing Y N 269 
P1Z C11 H11  sing N N 270 
P1Z C6  C7   doub Y N 271 
P1Z C6  N1   sing N N 272 
P1Z C7  H7   sing N N 273 
P1Z C21 C20  sing N N 274 
P1Z C21 H211 sing N N 275 
P1Z C21 H212 sing N N 276 
P1Z C21 H213 sing N N 277 
P1Z C20 C19  sing N N 278 
P1Z C20 H201 sing N N 279 
P1Z C20 H202 sing N N 280 
P1Z C19 C18  sing N N 281 
P1Z C19 H191 sing N N 282 
P1Z C19 H192 sing N N 283 
P1Z C18 C4   sing N N 284 
P1Z C18 H181 sing N N 285 
P1Z C18 H182 sing N N 286 
P1Z N2  C3   sing N N 287 
P1Z N2  N1   sing N N 288 
P1Z C3  C4   sing N N 289 
P1Z C3  O3   doub N N 290 
P1Z C4  C5   sing N N 291 
P1Z C4  H4   sing N N 292 
P1Z C5  N1   sing N N 293 
P1Z C5  O5   doub N N 294 
PHE N   CA   sing N N 295 
PHE N   H    sing N N 296 
PHE N   H2   sing N N 297 
PHE CA  C    sing N N 298 
PHE CA  CB   sing N N 299 
PHE CA  HA   sing N N 300 
PHE C   O    doub N N 301 
PHE C   OXT  sing N N 302 
PHE CB  CG   sing N N 303 
PHE CB  HB2  sing N N 304 
PHE CB  HB3  sing N N 305 
PHE CG  CD1  doub Y N 306 
PHE CG  CD2  sing Y N 307 
PHE CD1 CE1  sing Y N 308 
PHE CD1 HD1  sing N N 309 
PHE CD2 CE2  doub Y N 310 
PHE CD2 HD2  sing N N 311 
PHE CE1 CZ   doub Y N 312 
PHE CE1 HE1  sing N N 313 
PHE CE2 CZ   sing Y N 314 
PHE CE2 HE2  sing N N 315 
PHE CZ  HZ   sing N N 316 
PHE OXT HXT  sing N N 317 
PRO N   CA   sing N N 318 
PRO N   CD   sing N N 319 
PRO N   H    sing N N 320 
PRO CA  C    sing N N 321 
PRO CA  CB   sing N N 322 
PRO CA  HA   sing N N 323 
PRO C   O    doub N N 324 
PRO C   OXT  sing N N 325 
PRO CB  CG   sing N N 326 
PRO CB  HB2  sing N N 327 
PRO CB  HB3  sing N N 328 
PRO CG  CD   sing N N 329 
PRO CG  HG2  sing N N 330 
PRO CG  HG3  sing N N 331 
PRO CD  HD2  sing N N 332 
PRO CD  HD3  sing N N 333 
PRO OXT HXT  sing N N 334 
SER N   CA   sing N N 335 
SER N   H    sing N N 336 
SER N   H2   sing N N 337 
SER CA  C    sing N N 338 
SER CA  CB   sing N N 339 
SER CA  HA   sing N N 340 
SER C   O    doub N N 341 
SER C   OXT  sing N N 342 
SER CB  OG   sing N N 343 
SER CB  HB2  sing N N 344 
SER CB  HB3  sing N N 345 
SER OG  HG   sing N N 346 
SER OXT HXT  sing N N 347 
SO4 S   O1   doub N N 348 
SO4 S   O2   doub N N 349 
SO4 S   O3   sing N N 350 
SO4 S   O4   sing N N 351 
THR N   CA   sing N N 352 
THR N   H    sing N N 353 
THR N   H2   sing N N 354 
THR CA  C    sing N N 355 
THR CA  CB   sing N N 356 
THR CA  HA   sing N N 357 
THR C   O    doub N N 358 
THR C   OXT  sing N N 359 
THR CB  OG1  sing N N 360 
THR CB  CG2  sing N N 361 
THR CB  HB   sing N N 362 
THR OG1 HG1  sing N N 363 
THR CG2 HG21 sing N N 364 
THR CG2 HG22 sing N N 365 
THR CG2 HG23 sing N N 366 
THR OXT HXT  sing N N 367 
TRP N   CA   sing N N 368 
TRP N   H    sing N N 369 
TRP N   H2   sing N N 370 
TRP CA  C    sing N N 371 
TRP CA  CB   sing N N 372 
TRP CA  HA   sing N N 373 
TRP C   O    doub N N 374 
TRP C   OXT  sing N N 375 
TRP CB  CG   sing N N 376 
TRP CB  HB2  sing N N 377 
TRP CB  HB3  sing N N 378 
TRP CG  CD1  doub Y N 379 
TRP CG  CD2  sing Y N 380 
TRP CD1 NE1  sing Y N 381 
TRP CD1 HD1  sing N N 382 
TRP CD2 CE2  doub Y N 383 
TRP CD2 CE3  sing Y N 384 
TRP NE1 CE2  sing Y N 385 
TRP NE1 HE1  sing N N 386 
TRP CE2 CZ2  sing Y N 387 
TRP CE3 CZ3  doub Y N 388 
TRP CE3 HE3  sing N N 389 
TRP CZ2 CH2  doub Y N 390 
TRP CZ2 HZ2  sing N N 391 
TRP CZ3 CH2  sing Y N 392 
TRP CZ3 HZ3  sing N N 393 
TRP CH2 HH2  sing N N 394 
TRP OXT HXT  sing N N 395 
VAL N   CA   sing N N 396 
VAL N   H    sing N N 397 
VAL N   H2   sing N N 398 
VAL CA  C    sing N N 399 
VAL CA  CB   sing N N 400 
VAL CA  HA   sing N N 401 
VAL C   O    doub N N 402 
VAL C   OXT  sing N N 403 
VAL CB  CG1  sing N N 404 
VAL CB  CG2  sing N N 405 
VAL CB  HB   sing N N 406 
VAL CG1 HG11 sing N N 407 
VAL CG1 HG12 sing N N 408 
VAL CG1 HG13 sing N N 409 
VAL CG2 HG21 sing N N 410 
VAL CG2 HG22 sing N N 411 
VAL CG2 HG23 sing N N 412 
VAL OXT HXT  sing N N 413 
# 
_pdbx_audit_support.funding_organization   'Not funded' 
_pdbx_audit_support.country                ? 
_pdbx_audit_support.grant_number           ? 
_pdbx_audit_support.ordinal                1 
# 
_atom_sites.entry_id                    8HCK 
_atom_sites.Cartn_transf_matrix[1][1]   ? 
_atom_sites.Cartn_transf_matrix[1][2]   ? 
_atom_sites.Cartn_transf_matrix[1][3]   ? 
_atom_sites.Cartn_transf_matrix[2][1]   ? 
_atom_sites.Cartn_transf_matrix[2][2]   ? 
_atom_sites.Cartn_transf_matrix[2][3]   ? 
_atom_sites.Cartn_transf_matrix[3][1]   ? 
_atom_sites.Cartn_transf_matrix[3][2]   ? 
_atom_sites.Cartn_transf_matrix[3][3]   ? 
_atom_sites.Cartn_transf_vector[1]      ? 
_atom_sites.Cartn_transf_vector[2]      ? 
_atom_sites.Cartn_transf_vector[3]      ? 
_atom_sites.fract_transf_matrix[1][1]   -0.01081961 
_atom_sites.fract_transf_matrix[1][2]   0.01638716 
_atom_sites.fract_transf_matrix[1][3]   -0.00499456 
_atom_sites.fract_transf_matrix[2][1]   -0.00812131 
_atom_sites.fract_transf_matrix[2][2]   -0.01010763 
_atom_sites.fract_transf_matrix[2][3]   -0.01557013 
_atom_sites.fract_transf_matrix[3][1]   -0.00989226 
_atom_sites.fract_transf_matrix[3][2]   -0.00413968 
_atom_sites.fract_transf_matrix[3][3]   0.00784711 
_atom_sites.fract_transf_vector[1]      0.246104 
_atom_sites.fract_transf_vector[2]      0.204054 
_atom_sites.fract_transf_vector[3]      0.055191 
_atom_sites.solution_primary            ? 
_atom_sites.solution_secondary          ? 
_atom_sites.solution_hydrogens          ? 
_atom_sites.special_details             ? 
# 
loop_
_atom_type.symbol 
C 
N 
O 
S 
# 
loop_
_atom_site.group_PDB 
_atom_site.id 
_atom_site.type_symbol 
_atom_site.label_atom_id 
_atom_site.label_alt_id 
_atom_site.label_comp_id 
_atom_site.label_asym_id 
_atom_site.label_entity_id 
_atom_site.label_seq_id 
_atom_site.pdbx_PDB_ins_code 
_atom_site.Cartn_x 
_atom_site.Cartn_y 
_atom_site.Cartn_z 
_atom_site.occupancy 
_atom_site.B_iso_or_equiv 
_atom_site.pdbx_formal_charge 
_atom_site.auth_seq_id 
_atom_site.auth_comp_id 
_atom_site.auth_asym_id 
_atom_site.auth_atom_id 
_atom_site.pdbx_PDB_model_num 
ATOM   1   N N   . MET A 1 1  ? -3.332  -4.970  -15.212 1.00 50.97 ? -1  MET A N   1 
ATOM   2   C CA  . MET A 1 1  ? -3.292  -6.369  -14.802 1.00 51.06 ? -1  MET A CA  1 
ATOM   3   C C   . MET A 1 1  ? -2.927  -6.505  -13.322 1.00 52.62 ? -1  MET A C   1 
ATOM   4   O O   . MET A 1 1  ? -2.267  -5.629  -12.760 1.00 51.23 ? -1  MET A O   1 
ATOM   5   C CB  . MET A 1 1  ? -2.312  -7.161  -15.682 1.00 45.20 ? -1  MET A CB  1 
ATOM   6   C CG  . MET A 1 1  ? -0.920  -6.541  -15.762 1.00 36.52 ? -1  MET A CG  1 
ATOM   7   S SD  . MET A 1 1  ? -1.059  -4.816  -16.253 1.00 33.04 ? -1  MET A SD  1 
ATOM   8   C CE  . MET A 1 1  ? -1.700  -4.991  -17.909 1.00 38.93 ? -1  MET A CE  1 
ATOM   9   N N   . HIS A 1 2  ? -3.380  -7.601  -12.706 1.00 52.27 ? 0   HIS A N   1 
ATOM   10  C CA  . HIS A 1 2  ? -3.009  -7.930  -11.333 1.00 50.20 ? 0   HIS A CA  1 
ATOM   11  C C   . HIS A 1 2  ? -1.498  -8.017  -11.188 1.00 45.70 ? 0   HIS A C   1 
ATOM   12  O O   . HIS A 1 2  ? -0.805  -8.511  -12.078 1.00 50.40 ? 0   HIS A O   1 
ATOM   13  C CB  . HIS A 1 2  ? -3.605  -9.279  -10.923 1.00 53.46 ? 0   HIS A CB  1 
ATOM   14  C CG  . HIS A 1 2  ? -4.931  -9.188  -10.242 1.00 53.63 ? 0   HIS A CG  1 
ATOM   15  N ND1 . HIS A 1 2  ? -6.022  -8.573  -10.813 1.00 58.61 ? 0   HIS A ND1 1 
ATOM   16  C CD2 . HIS A 1 2  ? -5.348  -9.661  -9.045  1.00 53.71 ? 0   HIS A CD2 1 
ATOM   17  C CE1 . HIS A 1 2  ? -7.052  -8.658  -9.990  1.00 53.25 ? 0   HIS A CE1 1 
ATOM   18  N NE2 . HIS A 1 2  ? -6.666  -9.309  -8.907  1.00 47.09 ? 0   HIS A NE2 1 
ATOM   19  N N   . ARG A 1 3  ? -0.990  -7.583  -10.037 1.00 44.87 ? 1   ARG A N   1 
ATOM   20  C CA  . ARG A 1 3  ? 0.430   -7.717  -9.744  1.00 41.07 ? 1   ARG A CA  1 
ATOM   21  C C   . ARG A 1 3  ? 0.611   -7.721  -8.233  1.00 36.20 ? 1   ARG A C   1 
ATOM   22  O O   . ARG A 1 3  ? -0.072  -6.983  -7.516  1.00 32.15 ? 1   ARG A O   1 
ATOM   23  C CB  . ARG A 1 3  ? 1.224   -6.584  -10.405 1.00 44.54 ? 1   ARG A CB  1 
ATOM   24  C CG  . ARG A 1 3  ? 2.717   -6.567  -10.127 1.00 47.86 ? 1   ARG A CG  1 
ATOM   25  C CD  . ARG A 1 3  ? 3.366   -5.405  -10.881 1.00 51.78 ? 1   ARG A CD  1 
ATOM   26  N NE  . ARG A 1 3  ? 3.938   -4.389  -9.997  1.00 49.87 ? 1   ARG A NE  1 
ATOM   27  C CZ  . ARG A 1 3  ? 3.858   -3.078  -10.216 1.00 51.87 ? 1   ARG A CZ  1 
ATOM   28  N NH1 . ARG A 1 3  ? 3.205   -2.630  -11.279 1.00 54.96 ? 1   ARG A NH1 1 
ATOM   29  N NH2 . ARG A 1 3  ? 4.412   -2.209  -9.363  1.00 42.29 ? 1   ARG A NH2 1 
ATOM   30  N N   . GLU A 1 4  ? 1.501   -8.573  -7.746  1.00 35.75 ? 2   GLU A N   1 
ATOM   31  C CA  . GLU A 1 4  ? 1.833   -8.566  -6.330  1.00 36.67 ? 2   GLU A CA  1 
ATOM   32  C C   . GLU A 1 4  ? 3.142   -7.817  -6.140  1.00 34.42 ? 2   GLU A C   1 
ATOM   33  O O   . GLU A 1 4  ? 4.061   -7.953  -6.950  1.00 34.86 ? 2   GLU A O   1 
ATOM   34  C CB  . GLU A 1 4  ? 1.937   -9.986  -5.775  1.00 38.91 ? 2   GLU A CB  1 
ATOM   35  C CG  . GLU A 1 4  ? 2.331   -10.044 -4.317  1.00 39.95 ? 2   GLU A CG  1 
ATOM   36  C CD  . GLU A 1 4  ? 2.004   -11.375 -3.676  1.00 46.47 ? 2   GLU A CD  1 
ATOM   37  O OE1 . GLU A 1 4  ? 2.943   -12.118 -3.315  1.00 45.20 ? 2   GLU A OE1 1 
ATOM   38  O OE2 . GLU A 1 4  ? 0.798   -11.678 -3.538  1.00 54.15 ? 2   GLU A OE2 1 
ATOM   39  N N   . VAL A 1 5  ? 3.205   -6.990  -5.094  1.00 32.94 ? 3   VAL A N   1 
ATOM   40  C CA  . VAL A 1 5  ? 4.435   -6.306  -4.714  1.00 32.48 ? 3   VAL A CA  1 
ATOM   41  C C   . VAL A 1 5  ? 4.669   -6.607  -3.245  1.00 29.82 ? 3   VAL A C   1 
ATOM   42  O O   . VAL A 1 5  ? 3.725   -6.801  -2.477  1.00 29.13 ? 3   VAL A O   1 
ATOM   43  C CB  . VAL A 1 5  ? 4.399   -4.770  -4.970  1.00 30.50 ? 3   VAL A CB  1 
ATOM   44  C CG1 . VAL A 1 5  ? 4.301   -4.468  -6.469  1.00 36.16 ? 3   VAL A CG1 1 
ATOM   45  C CG2 . VAL A 1 5  ? 3.249   -4.094  -4.210  1.00 26.68 ? 3   VAL A CG2 1 
ATOM   46  N N   . ILE A 1 6  ? 5.935   -6.683  -2.860  1.00 27.49 ? 4   ILE A N   1 
ATOM   47  C CA  . ILE A 1 6  ? 6.322   -6.971  -1.487  1.00 30.93 ? 4   ILE A CA  1 
ATOM   48  C C   . ILE A 1 6  ? 7.224   -5.841  -1.041  1.00 29.63 ? 4   ILE A C   1 
ATOM   49  O O   . ILE A 1 6  ? 8.273   -5.613  -1.649  1.00 28.44 ? 4   ILE A O   1 
ATOM   50  C CB  . ILE A 1 6  ? 7.053   -8.316  -1.359  1.00 33.94 ? 4   ILE A CB  1 
ATOM   51  C CG1 . ILE A 1 6  ? 6.196   -9.455  -1.921  1.00 37.03 ? 4   ILE A CG1 1 
ATOM   52  C CG2 . ILE A 1 6  ? 7.461   -8.543  0.080   1.00 28.73 ? 4   ILE A CG2 1 
ATOM   53  C CD1 . ILE A 1 6  ? 5.073   -9.867  -1.021  1.00 36.42 ? 4   ILE A CD1 1 
ATOM   54  N N   . LEU A 1 7  ? 6.825   -5.144  0.013   1.00 23.69 ? 5   LEU A N   1 
ATOM   55  C CA  . LEU A 1 7  ? 7.559   -3.992  0.505   1.00 24.97 ? 5   LEU A CA  1 
ATOM   56  C C   . LEU A 1 7  ? 8.196   -4.342  1.837   1.00 24.16 ? 5   LEU A C   1 
ATOM   57  O O   . LEU A 1 7  ? 7.552   -4.930  2.707   1.00 24.56 ? 5   LEU A O   1 
ATOM   58  C CB  . LEU A 1 7  ? 6.644   -2.768  0.684   1.00 23.47 ? 5   LEU A CB  1 
ATOM   59  C CG  . LEU A 1 7  ? 6.082   -2.088  -0.565  1.00 23.46 ? 5   LEU A CG  1 
ATOM   60  C CD1 . LEU A 1 7  ? 5.049   -3.001  -1.209  1.00 24.46 ? 5   LEU A CD1 1 
ATOM   61  C CD2 . LEU A 1 7  ? 5.486   -0.705  -0.225  1.00 20.10 ? 5   LEU A CD2 1 
ATOM   62  N N   . CYS A 1 8  ? 9.453   -3.959  2.002   1.00 22.42 ? 6   CYS A N   1 
ATOM   63  C CA  . CYS A 1 8  ? 10.146  -4.138  3.268   1.00 21.18 ? 6   CYS A CA  1 
ATOM   64  C C   . CYS A 1 8  ? 10.266  -2.780  3.923   1.00 22.59 ? 6   CYS A C   1 
ATOM   65  O O   . CYS A 1 8  ? 10.708  -1.822  3.285   1.00 23.91 ? 6   CYS A O   1 
ATOM   66  C CB  . CYS A 1 8  ? 11.530  -4.754  3.070   1.00 21.32 ? 6   CYS A CB  1 
ATOM   67  S SG  . CYS A 1 8  ? 11.458  -6.412  2.350   1.00 21.58 ? 6   CYS A SG  1 
ATOM   68  N N   . LYS A 1 9  ? 9.857   -2.689  5.181   1.00 22.48 ? 7   LYS A N   1 
ATOM   69  C CA  . LYS A 1 9  ? 9.937   -1.406  5.856   1.00 22.83 ? 7   LYS A CA  1 
ATOM   70  C C   . LYS A 1 9  ? 11.387  -0.949  5.899   1.00 25.12 ? 7   LYS A C   1 
ATOM   71  O O   . LYS A 1 9  ? 12.310  -1.766  5.965   1.00 25.98 ? 7   LYS A O   1 
ATOM   72  C CB  . LYS A 1 9  ? 9.374   -1.505  7.274   1.00 28.52 ? 7   LYS A CB  1 
ATOM   73  C CG  . LYS A 1 9  ? 7.897   -1.904  7.375   1.00 27.31 ? 7   LYS A CG  1 
ATOM   74  C CD  . LYS A 1 9  ? 7.489   -1.816  8.850   1.00 34.31 ? 7   LYS A CD  1 
ATOM   75  C CE  . LYS A 1 9  ? 6.151   -2.450  9.147   1.00 37.10 ? 7   LYS A CE  1 
ATOM   76  N NZ  . LYS A 1 9  ? 5.961   -2.465  10.630  1.00 35.12 ? 7   LYS A NZ  1 
ATOM   77  N N   . ASP A 1 10 ? 11.592  0.368   5.837   1.00 26.48 ? 8   ASP A N   1 
ATOM   78  C CA  . ASP A 1 10 ? 12.937  0.896   5.999   1.00 26.62 ? 8   ASP A CA  1 
ATOM   79  C C   . ASP A 1 10 ? 13.343  0.832   7.475   1.00 27.58 ? 8   ASP A C   1 
ATOM   80  O O   . ASP A 1 10 ? 12.573  0.413   8.345   1.00 25.94 ? 8   ASP A O   1 
ATOM   81  C CB  . ASP A 1 10 ? 13.045  2.321   5.436   1.00 24.31 ? 8   ASP A CB  1 
ATOM   82  C CG  . ASP A 1 10 ? 12.275  3.377   6.251   1.00 32.83 ? 8   ASP A CG  1 
ATOM   83  O OD1 . ASP A 1 10 ? 11.877  3.146   7.411   1.00 29.20 ? 8   ASP A OD1 1 
ATOM   84  O OD2 . ASP A 1 10 ? 12.078  4.485   5.708   1.00 27.37 ? 8   ASP A OD2 1 
ATOM   85  N N   . GLN A 1 11 ? 14.572  1.265   7.756   1.00 28.98 ? 9   GLN A N   1 
ATOM   86  C CA  . GLN A 1 11 ? 15.121  1.102   9.098   1.00 31.49 ? 9   GLN A CA  1 
ATOM   87  C C   . GLN A 1 11 ? 14.445  1.976   10.129  1.00 32.83 ? 9   GLN A C   1 
ATOM   88  O O   . GLN A 1 11 ? 14.771  1.866   11.314  1.00 37.12 ? 9   GLN A O   1 
ATOM   89  C CB  . GLN A 1 11 ? 16.622  1.381   9.098   1.00 32.02 ? 9   GLN A CB  1 
ATOM   90  C CG  . GLN A 1 11 ? 17.431  0.307   8.433   1.00 31.11 ? 9   GLN A CG  1 
ATOM   91  C CD  . GLN A 1 11 ? 18.886  0.688   8.340   1.00 37.11 ? 9   GLN A CD  1 
ATOM   92  O OE1 . GLN A 1 11 ? 19.468  0.723   7.250   1.00 36.97 ? 9   GLN A OE1 1 
ATOM   93  N NE2 . GLN A 1 11 ? 19.481  1.007   9.483   1.00 31.23 ? 9   GLN A NE2 1 
ATOM   94  N N   . ASP A 1 12 ? 13.515  2.837   9.735   1.00 35.37 ? 10  ASP A N   1 
ATOM   95  C CA  . ASP A 1 12 ? 12.712  3.554   10.710  1.00 35.55 ? 10  ASP A CA  1 
ATOM   96  C C   . ASP A 1 12 ? 11.266  3.073   10.726  1.00 36.69 ? 10  ASP A C   1 
ATOM   97  O O   . ASP A 1 12 ? 10.392  3.772   11.242  1.00 37.03 ? 10  ASP A O   1 
ATOM   98  C CB  . ASP A 1 12 ? 12.785  5.057   10.463  1.00 36.91 ? 10  ASP A CB  1 
ATOM   99  C CG  . ASP A 1 12 ? 12.359  5.849   11.676  1.00 45.71 ? 10  ASP A CG  1 
ATOM   100 O OD1 . ASP A 1 12 ? 12.713  5.445   12.805  1.00 44.80 ? 10  ASP A OD1 1 
ATOM   101 O OD2 . ASP A 1 12 ? 11.654  6.861   11.505  1.00 53.11 ? 10  ASP A OD2 1 
ATOM   102 N N   . GLY A 1 13 ? 11.002  1.881   10.193  1.00 30.29 ? 11  GLY A N   1 
ATOM   103 C CA  . GLY A 1 13 ? 9.666   1.324   10.226  1.00 29.47 ? 11  GLY A CA  1 
ATOM   104 C C   . GLY A 1 13 ? 8.716   1.852   9.171   1.00 32.64 ? 11  GLY A C   1 
ATOM   105 O O   . GLY A 1 13 ? 7.520   1.560   9.244   1.00 35.54 ? 11  GLY A O   1 
ATOM   106 N N   . LYS A 1 14 ? 9.205   2.585   8.175   1.00 30.12 ? 12  LYS A N   1 
ATOM   107 C CA  . LYS A 1 14 ? 8.346   3.329   7.265   1.00 32.81 ? 12  LYS A CA  1 
ATOM   108 C C   . LYS A 1 14 ? 8.373   2.753   5.855   1.00 31.73 ? 12  LYS A C   1 
ATOM   109 O O   . LYS A 1 14 ? 9.311   2.058   5.459   1.00 24.89 ? 12  LYS A O   1 
ATOM   110 C CB  . LYS A 1 14 ? 8.760   4.804   7.238   1.00 34.91 ? 12  LYS A CB  1 
ATOM   111 C CG  . LYS A 1 14 ? 8.319   5.546   8.492   1.00 44.69 ? 12  LYS A CG  1 
ATOM   112 C CD  . LYS A 1 14 ? 8.754   6.996   8.490   1.00 53.37 ? 12  LYS A CD  1 
ATOM   113 C CE  . LYS A 1 14 ? 8.009   7.763   9.571   1.00 57.38 ? 12  LYS A CE  1 
ATOM   114 N NZ  . LYS A 1 14 ? 7.388   6.842   10.561  1.00 54.11 ? 12  LYS A NZ  1 
ATOM   115 N N   . ILE A 1 15 ? 7.320   3.052   5.095   1.00 30.45 ? 13  ILE A N   1 
ATOM   116 C CA  . ILE A 1 15 ? 7.253   2.621   3.703   1.00 29.38 ? 13  ILE A CA  1 
ATOM   117 C C   . ILE A 1 15 ? 7.066   3.762   2.716   1.00 26.15 ? 13  ILE A C   1 
ATOM   118 O O   . ILE A 1 15 ? 7.339   3.574   1.522   1.00 24.15 ? 13  ILE A O   1 
ATOM   119 C CB  . ILE A 1 15 ? 6.148   1.557   3.502   1.00 31.82 ? 13  ILE A CB  1 
ATOM   120 C CG1 . ILE A 1 15 ? 4.758   2.160   3.716   1.00 29.56 ? 13  ILE A CG1 1 
ATOM   121 C CG2 . ILE A 1 15 ? 6.397   0.348   4.399   1.00 29.87 ? 13  ILE A CG2 1 
ATOM   122 C CD1 . ILE A 1 15 ? 3.653   1.245   3.327   1.00 33.84 ? 13  ILE A CD1 1 
ATOM   123 N N   . GLY A 1 16 ? 6.623   4.946   3.124   1.00 25.47 ? 14  GLY A N   1 
ATOM   124 C CA  . GLY A 1 16 ? 6.576   6.067   2.200   1.00 29.15 ? 14  GLY A CA  1 
ATOM   125 C C   . GLY A 1 16 ? 5.377   6.069   1.278   1.00 28.91 ? 14  GLY A C   1 
ATOM   126 O O   . GLY A 1 16 ? 5.506   6.388   0.085   1.00 26.84 ? 14  GLY A O   1 
ATOM   127 N N   . LEU A 1 17 ? 4.206   5.724   1.796   1.00 27.52 ? 15  LEU A N   1 
ATOM   128 C CA  . LEU A 1 17 ? 3.038   5.493   0.964   1.00 28.35 ? 15  LEU A CA  1 
ATOM   129 C C   . LEU A 1 17 ? 1.827   6.127   1.630   1.00 29.88 ? 15  LEU A C   1 
ATOM   130 O O   . LEU A 1 17 ? 1.571   5.880   2.808   1.00 28.16 ? 15  LEU A O   1 
ATOM   131 C CB  . LEU A 1 17 ? 2.821   3.989   0.763   1.00 25.23 ? 15  LEU A CB  1 
ATOM   132 C CG  . LEU A 1 17 ? 1.704   3.519   -0.160  1.00 28.24 ? 15  LEU A CG  1 
ATOM   133 C CD1 . LEU A 1 17 ? 1.918   4.080   -1.567  1.00 25.24 ? 15  LEU A CD1 1 
ATOM   134 C CD2 . LEU A 1 17 ? 1.657   1.969   -0.172  1.00 24.47 ? 15  LEU A CD2 1 
ATOM   135 N N   . ARG A 1 18 ? 1.106   6.957   0.882   1.00 29.16 ? 16  ARG A N   1 
ATOM   136 C CA  . ARG A 1 18 ? -0.183  7.494   1.308   1.00 31.07 ? 16  ARG A CA  1 
ATOM   137 C C   . ARG A 1 18 ? -1.269  7.005   0.358   1.00 29.22 ? 16  ARG A C   1 
ATOM   138 O O   . ARG A 1 18 ? -1.089  7.017   -0.860  1.00 24.39 ? 16  ARG A O   1 
ATOM   139 C CB  . ARG A 1 18 ? -0.168  9.020   1.341   1.00 31.88 ? 16  ARG A CB  1 
ATOM   140 C CG  . ARG A 1 18 ? -1.556  9.624   1.478   1.00 38.33 ? 16  ARG A CG  1 
ATOM   141 C CD  . ARG A 1 18 ? -1.514  11.056  2.016   1.00 46.29 ? 16  ARG A CD  1 
ATOM   142 N NE  . ARG A 1 18 ? -2.730  11.354  2.760   1.00 54.75 ? 16  ARG A NE  1 
ATOM   143 C CZ  . ARG A 1 18 ? -2.816  11.354  4.084   1.00 58.31 ? 16  ARG A CZ  1 
ATOM   144 N NH1 . ARG A 1 18 ? -1.744  11.099  4.820   1.00 63.23 ? 16  ARG A NH1 1 
ATOM   145 N NH2 . ARG A 1 18 ? -3.975  11.624  4.671   1.00 57.68 ? 16  ARG A NH2 1 
ATOM   146 N N   . LEU A 1 19 ? -2.393  6.574   0.918   1.00 28.90 ? 17  LEU A N   1 
ATOM   147 C CA  . LEU A 1 19 ? -3.457  5.933   0.168   1.00 28.51 ? 17  LEU A CA  1 
ATOM   148 C C   . LEU A 1 19 ? -4.757  6.712   0.332   1.00 27.12 ? 17  LEU A C   1 
ATOM   149 O O   . LEU A 1 19 ? -4.993  7.336   1.366   1.00 28.16 ? 17  LEU A O   1 
ATOM   150 C CB  . LEU A 1 19 ? -3.659  4.489   0.636   1.00 29.78 ? 17  LEU A CB  1 
ATOM   151 C CG  . LEU A 1 19 ? -2.482  3.521   0.497   1.00 30.63 ? 17  LEU A CG  1 
ATOM   152 C CD1 . LEU A 1 19 ? -2.882  2.156   1.030   1.00 31.98 ? 17  LEU A CD1 1 
ATOM   153 C CD2 . LEU A 1 19 ? -2.012  3.413   -0.949  1.00 25.80 ? 17  LEU A CD2 1 
ATOM   154 N N   . LYS A 1 20 ? -5.616  6.645   -0.681  1.00 29.24 ? 18  LYS A N   1 
ATOM   155 C CA  . LYS A 1 20 ? -6.898  7.344   -0.657  1.00 25.34 ? 18  LYS A CA  1 
ATOM   156 C C   . LYS A 1 20 ? -8.021  6.365   -0.966  1.00 26.49 ? 18  LYS A C   1 
ATOM   157 O O   . LYS A 1 20 ? -7.940  5.612   -1.940  1.00 27.33 ? 18  LYS A O   1 
ATOM   158 C CB  . LYS A 1 20 ? -6.912  8.500   -1.663  1.00 31.08 ? 18  LYS A CB  1 
ATOM   159 C CG  . LYS A 1 20 ? -8.295  9.138   -1.878  1.00 29.16 ? 18  LYS A CG  1 
ATOM   160 C CD  . LYS A 1 20 ? -8.610  10.140  -0.779  1.00 33.06 ? 18  LYS A CD  1 
ATOM   161 C CE  . LYS A 1 20 ? -10.054 10.625  -0.877  1.00 34.30 ? 18  LYS A CE  1 
ATOM   162 N NZ  . LYS A 1 20 ? -10.440 11.326  0.369   1.00 38.39 ? 18  LYS A NZ  1 
ATOM   163 N N   . SER A 1 21 ? -9.069  6.381   -0.140  1.00 30.42 ? 19  SER A N   1 
ATOM   164 C CA  . SER A 1 21 ? -10.276 5.608   -0.382  1.00 31.23 ? 19  SER A CA  1 
ATOM   165 C C   . SER A 1 21 ? -11.253 6.416   -1.230  1.00 32.22 ? 19  SER A C   1 
ATOM   166 O O   . SER A 1 21 ? -11.601 7.547   -0.870  1.00 29.00 ? 19  SER A O   1 
ATOM   167 C CB  . SER A 1 21 ? -10.946 5.228   0.939   1.00 36.07 ? 19  SER A CB  1 
ATOM   168 O OG  . SER A 1 21 ? -12.223 4.658   0.693   1.00 33.11 ? 19  SER A OG  1 
ATOM   169 N N   . ILE A 1 22 ? -11.707 5.823   -2.337  1.00 29.31 ? 20  ILE A N   1 
ATOM   170 C CA  . ILE A 1 22 ? -12.612 6.486   -3.268  1.00 31.20 ? 20  ILE A CA  1 
ATOM   171 C C   . ILE A 1 22 ? -13.164 5.472   -4.259  1.00 32.81 ? 20  ILE A C   1 
ATOM   172 O O   . ILE A 1 22 ? -12.462 4.548   -4.684  1.00 31.04 ? 20  ILE A O   1 
ATOM   173 C CB  . ILE A 1 22 ? -11.920 7.644   -4.013  1.00 29.38 ? 20  ILE A CB  1 
ATOM   174 C CG1 . ILE A 1 22 ? -12.952 8.501   -4.753  1.00 32.36 ? 20  ILE A CG1 1 
ATOM   175 C CG2 . ILE A 1 22 ? -10.897 7.126   -5.012  1.00 32.46 ? 20  ILE A CG2 1 
ATOM   176 C CD1 . ILE A 1 22 ? -12.355 9.722   -5.398  1.00 27.40 ? 20  ILE A CD1 1 
ATOM   177 N N   . ASP A 1 23 ? -14.422 5.661   -4.649  1.00 30.90 ? 21  ASP A N   1 
ATOM   178 C CA  . ASP A 1 23 ? -15.084 4.822   -5.649  1.00 34.94 ? 21  ASP A CA  1 
ATOM   179 C C   . ASP A 1 23 ? -15.007 3.349   -5.257  1.00 34.33 ? 21  ASP A C   1 
ATOM   180 O O   . ASP A 1 23 ? -14.741 2.479   -6.087  1.00 37.79 ? 21  ASP A O   1 
ATOM   181 C CB  . ASP A 1 23 ? -14.504 5.052   -7.047  1.00 36.08 ? 21  ASP A CB  1 
ATOM   182 C CG  . ASP A 1 23 ? -14.748 6.468   -7.561  1.00 40.06 ? 21  ASP A CG  1 
ATOM   183 O OD1 . ASP A 1 23 ? -15.737 7.103   -7.124  1.00 33.73 ? 21  ASP A OD1 1 
ATOM   184 O OD2 . ASP A 1 23 ? -13.950 6.943   -8.402  1.00 40.06 ? 21  ASP A OD2 1 
ATOM   185 N N   . ASN A 1 24 ? -15.204 3.083   -3.972  1.00 32.44 ? 22  ASN A N   1 
ATOM   186 C CA  . ASN A 1 24 ? -15.201 1.743   -3.386  1.00 38.01 ? 22  ASN A CA  1 
ATOM   187 C C   . ASN A 1 24 ? -13.833 1.067   -3.449  1.00 38.85 ? 22  ASN A C   1 
ATOM   188 O O   . ASN A 1 24 ? -13.722 -0.133  -3.161  1.00 39.57 ? 22  ASN A O   1 
ATOM   189 C CB  . ASN A 1 24 ? -16.261 0.845   -4.042  1.00 37.47 ? 22  ASN A CB  1 
ATOM   190 C CG  . ASN A 1 24 ? -16.587 -0.382  -3.212  1.00 41.16 ? 22  ASN A CG  1 
ATOM   191 O OD1 . ASN A 1 24 ? -16.565 -0.339  -1.982  1.00 41.11 ? 22  ASN A OD1 1 
ATOM   192 N ND2 . ASN A 1 24 ? -16.892 -1.486  -3.885  1.00 36.39 ? 22  ASN A ND2 1 
ATOM   193 N N   . GLY A 1 25 ? -12.778 1.810   -3.792  1.00 33.30 ? 23  GLY A N   1 
ATOM   194 C CA  . GLY A 1 25 ? -11.449 1.264   -3.901  1.00 31.38 ? 23  GLY A CA  1 
ATOM   195 C C   . GLY A 1 25 ? -10.438 2.005   -3.043  1.00 30.77 ? 23  GLY A C   1 
ATOM   196 O O   . GLY A 1 25 ? -10.755 2.978   -2.346  1.00 32.07 ? 23  GLY A O   1 
ATOM   197 N N   . ILE A 1 26 ? -9.200  1.519   -3.116  1.00 28.04 ? 24  ILE A N   1 
ATOM   198 C CA  . ILE A 1 26 ? -8.049  2.127   -2.456  1.00 26.95 ? 24  ILE A CA  1 
ATOM   199 C C   . ILE A 1 26 ? -7.014  2.449   -3.524  1.00 24.79 ? 24  ILE A C   1 
ATOM   200 O O   . ILE A 1 26 ? -6.626  1.566   -4.301  1.00 27.67 ? 24  ILE A O   1 
ATOM   201 C CB  . ILE A 1 26 ? -7.438  1.196   -1.389  1.00 30.81 ? 24  ILE A CB  1 
ATOM   202 C CG1 . ILE A 1 26 ? -8.423  0.957   -0.244  1.00 31.44 ? 24  ILE A CG1 1 
ATOM   203 C CG2 . ILE A 1 26 ? -6.147  1.781   -0.843  1.00 27.48 ? 24  ILE A CG2 1 
ATOM   204 C CD1 . ILE A 1 26 ? -8.748  2.202   0.569   1.00 31.63 ? 24  ILE A CD1 1 
ATOM   205 N N   . PHE A 1 27 ? -6.529  3.686   -3.527  1.00 21.76 ? 25  PHE A N   1 
ATOM   206 C CA  . PHE A 1 27 ? -5.616  4.139   -4.557  1.00 21.54 ? 25  PHE A CA  1 
ATOM   207 C C   . PHE A 1 27 ? -4.412  4.813   -3.922  1.00 23.17 ? 25  PHE A C   1 
ATOM   208 O O   . PHE A 1 27 ? -4.478  5.327   -2.802  1.00 27.42 ? 25  PHE A O   1 
ATOM   209 C CB  . PHE A 1 27 ? -6.326  5.096   -5.553  1.00 26.67 ? 25  PHE A CB  1 
ATOM   210 C CG  . PHE A 1 27 ? -7.461  4.441   -6.306  1.00 24.90 ? 25  PHE A CG  1 
ATOM   211 C CD1 . PHE A 1 27 ? -8.701  4.282   -5.718  1.00 26.23 ? 25  PHE A CD1 1 
ATOM   212 C CD2 . PHE A 1 27 ? -7.269  3.966   -7.588  1.00 26.58 ? 25  PHE A CD2 1 
ATOM   213 C CE1 . PHE A 1 27 ? -9.740  3.660   -6.403  1.00 29.07 ? 25  PHE A CE1 1 
ATOM   214 C CE2 . PHE A 1 27 ? -8.296  3.349   -8.276  1.00 30.09 ? 25  PHE A CE2 1 
ATOM   215 C CZ  . PHE A 1 27 ? -9.535  3.198   -7.679  1.00 26.79 ? 25  PHE A CZ  1 
ATOM   216 N N   . VAL A 1 28 ? -3.308  4.811   -4.667  1.00 24.01 ? 26  VAL A N   1 
ATOM   217 C CA  . VAL A 1 28 ? -2.074  5.458   -4.229  1.00 21.42 ? 26  VAL A CA  1 
ATOM   218 C C   . VAL A 1 28 ? -2.209  6.963   -4.414  1.00 22.21 ? 26  VAL A C   1 
ATOM   219 O O   . VAL A 1 28 ? -2.339  7.447   -5.541  1.00 25.25 ? 26  VAL A O   1 
ATOM   220 C CB  . VAL A 1 28 ? -0.859  4.929   -5.009  1.00 19.92 ? 26  VAL A CB  1 
ATOM   221 C CG1 . VAL A 1 28 ? 0.366   5.791   -4.665  1.00 20.21 ? 26  VAL A CG1 1 
ATOM   222 C CG2 . VAL A 1 28 ? -0.595  3.448   -4.699  1.00 20.59 ? 26  VAL A CG2 1 
ATOM   223 N N   . GLN A 1 29 ? -2.102  7.715   -3.317  1.00 25.62 ? 27  GLN A N   1 
ATOM   224 C CA  . GLN A 1 29 ? -2.195  9.173   -3.381  1.00 24.75 ? 27  GLN A CA  1 
ATOM   225 C C   . GLN A 1 29 ? -0.843  9.868   -3.352  1.00 25.26 ? 27  GLN A C   1 
ATOM   226 O O   . GLN A 1 29 ? -0.683  10.934  -3.957  1.00 26.90 ? 27  GLN A O   1 
ATOM   227 C CB  . GLN A 1 29 ? -3.037  9.706   -2.223  1.00 26.89 ? 27  GLN A CB  1 
ATOM   228 C CG  . GLN A 1 29 ? -3.218  11.242  -2.225  1.00 27.52 ? 27  GLN A CG  1 
ATOM   229 C CD  . GLN A 1 29 ? -4.148  11.676  -1.119  1.00 34.42 ? 27  GLN A CD  1 
ATOM   230 O OE1 . GLN A 1 29 ? -4.184  11.051  -0.057  1.00 33.25 ? 27  GLN A OE1 1 
ATOM   231 N NE2 . GLN A 1 29 ? -4.938  12.718  -1.368  1.00 34.07 ? 27  GLN A NE2 1 
ATOM   232 N N   . LEU A 1 30 ? 0.133   9.305   -2.659  1.00 22.99 ? 28  LEU A N   1 
ATOM   233 C CA  . LEU A 1 30 ? 1.444   9.928   -2.602  1.00 26.34 ? 28  LEU A CA  1 
ATOM   234 C C   . LEU A 1 30 ? 2.491   8.845   -2.402  1.00 24.18 ? 28  LEU A C   1 
ATOM   235 O O   . LEU A 1 30 ? 2.294   7.962   -1.561  1.00 26.19 ? 28  LEU A O   1 
ATOM   236 C CB  . LEU A 1 30 ? 1.482   10.938  -1.456  1.00 27.82 ? 28  LEU A CB  1 
ATOM   237 C CG  . LEU A 1 30 ? 2.751   11.747  -1.261  1.00 31.40 ? 28  LEU A CG  1 
ATOM   238 C CD1 . LEU A 1 30 ? 3.011   12.596  -2.493  1.00 28.14 ? 28  LEU A CD1 1 
ATOM   239 C CD2 . LEU A 1 30 ? 2.594   12.604  -0.003  1.00 36.98 ? 28  LEU A CD2 1 
ATOM   240 N N   . VAL A 1 31 ? 3.578   8.899   -3.183  1.00 22.38 ? 29  VAL A N   1 
ATOM   241 C CA  . VAL A 1 31 ? 4.715   7.988   -3.020  1.00 22.58 ? 29  VAL A CA  1 
ATOM   242 C C   . VAL A 1 31 ? 5.939   8.822   -2.688  1.00 22.78 ? 29  VAL A C   1 
ATOM   243 O O   . VAL A 1 31 ? 6.351   9.663   -3.493  1.00 22.67 ? 29  VAL A O   1 
ATOM   244 C CB  . VAL A 1 31 ? 4.983   7.143   -4.272  1.00 22.87 ? 29  VAL A CB  1 
ATOM   245 C CG1 . VAL A 1 31 ? 6.283   6.352   -4.095  1.00 23.39 ? 29  VAL A CG1 1 
ATOM   246 C CG2 . VAL A 1 31 ? 3.806   6.226   -4.563  1.00 23.44 ? 29  VAL A CG2 1 
ATOM   247 N N   . GLN A 1 32 ? 6.533   8.571   -1.528  1.00 24.85 ? 30  GLN A N   1 
ATOM   248 C CA  . GLN A 1 32 ? 7.735   9.289   -1.134  1.00 26.87 ? 30  GLN A CA  1 
ATOM   249 C C   . GLN A 1 32 ? 8.892   8.890   -2.026  1.00 25.78 ? 30  GLN A C   1 
ATOM   250 O O   . GLN A 1 32 ? 9.038   7.717   -2.387  1.00 23.81 ? 30  GLN A O   1 
ATOM   251 C CB  . GLN A 1 32 ? 8.105   8.994   0.322   1.00 30.87 ? 30  GLN A CB  1 
ATOM   252 C CG  . GLN A 1 32 ? 7.054   9.402   1.338   1.00 36.20 ? 30  GLN A CG  1 
ATOM   253 C CD  . GLN A 1 32 ? 6.753   10.884  1.299   1.00 42.93 ? 30  GLN A CD  1 
ATOM   254 O OE1 . GLN A 1 32 ? 7.608   11.697  0.948   1.00 43.27 ? 30  GLN A OE1 1 
ATOM   255 N NE2 . GLN A 1 32 ? 5.532   11.244  1.662   1.00 42.40 ? 30  GLN A NE2 1 
ATOM   256 N N   . ALA A 1 33 ? 9.732   9.865   -2.354  1.00 22.82 ? 31  ALA A N   1 
ATOM   257 C CA  . ALA A 1 33 ? 10.935  9.578   -3.122  1.00 25.47 ? 31  ALA A CA  1 
ATOM   258 C C   . ALA A 1 33 ? 11.853  8.664   -2.325  1.00 21.92 ? 31  ALA A C   1 
ATOM   259 O O   . ALA A 1 33 ? 11.945  8.777   -1.102  1.00 23.11 ? 31  ALA A O   1 
ATOM   260 C CB  . ALA A 1 33 ? 11.666  10.882  -3.474  1.00 24.33 ? 31  ALA A CB  1 
ATOM   261 N N   . ASN A 1 34 ? 12.510  7.741   -3.028  1.00 23.77 ? 32  ASN A N   1 
ATOM   262 C CA  . ASN A 1 34 ? 13.566  6.894   -2.471  1.00 23.53 ? 32  ASN A CA  1 
ATOM   263 C C   . ASN A 1 34 ? 13.096  6.132   -1.231  1.00 22.07 ? 32  ASN A C   1 
ATOM   264 O O   . ASN A 1 34 ? 13.700  6.200   -0.167  1.00 25.10 ? 32  ASN A O   1 
ATOM   265 C CB  . ASN A 1 34 ? 14.804  7.747   -2.178  1.00 22.95 ? 32  ASN A CB  1 
ATOM   266 C CG  . ASN A 1 34 ? 15.395  8.312   -3.437  1.00 26.60 ? 32  ASN A CG  1 
ATOM   267 O OD1 . ASN A 1 34 ? 15.622  7.577   -4.398  1.00 25.48 ? 32  ASN A OD1 1 
ATOM   268 N ND2 . ASN A 1 34 ? 15.624  9.624   -3.465  1.00 30.44 ? 32  ASN A ND2 1 
ATOM   269 N N   . SER A 1 35 ? 12.026  5.359   -1.402  1.00 19.41 ? 33  SER A N   1 
ATOM   270 C CA  . SER A 1 35 ? 11.313  4.698   -0.317  1.00 20.21 ? 33  SER A CA  1 
ATOM   271 C C   . SER A 1 35 ? 11.023  3.251   -0.676  1.00 19.03 ? 33  SER A C   1 
ATOM   272 O O   . SER A 1 35 ? 11.158  2.852   -1.836  1.00 21.71 ? 33  SER A O   1 
ATOM   273 C CB  . SER A 1 35 ? 9.985   5.428   -0.052  1.00 21.48 ? 33  SER A CB  1 
ATOM   274 O OG  . SER A 1 35 ? 9.145   5.289   -1.202  1.00 20.68 ? 33  SER A OG  1 
ATOM   275 N N   . PRO A 1 36 ? 10.624  2.421   0.312   1.00 19.30 ? 34  PRO A N   1 
ATOM   276 C CA  . PRO A 1 36 ? 10.141  1.072   -0.027  1.00 20.15 ? 34  PRO A CA  1 
ATOM   277 C C   . PRO A 1 36 ? 9.079   1.090   -1.105  1.00 19.33 ? 34  PRO A C   1 
ATOM   278 O O   . PRO A 1 36 ? 9.048   0.198   -1.961  1.00 20.80 ? 34  PRO A O   1 
ATOM   279 C CB  . PRO A 1 36 ? 9.582   0.563   1.313   1.00 21.45 ? 34  PRO A CB  1 
ATOM   280 C CG  . PRO A 1 36 ? 10.434  1.252   2.332   1.00 26.98 ? 34  PRO A CG  1 
ATOM   281 C CD  . PRO A 1 36 ? 10.671  2.635   1.773   1.00 20.72 ? 34  PRO A CD  1 
ATOM   282 N N   . ALA A 1 37 ? 8.216   2.114   -1.086  1.00 19.42 ? 35  ALA A N   1 
ATOM   283 C CA  . ALA A 1 37 ? 7.114   2.208   -2.038  1.00 19.07 ? 35  ALA A CA  1 
ATOM   284 C C   . ALA A 1 37 ? 7.623   2.509   -3.433  1.00 17.35 ? 35  ALA A C   1 
ATOM   285 O O   . ALA A 1 37 ? 7.204   1.871   -4.404  1.00 22.44 ? 35  ALA A O   1 
ATOM   286 C CB  . ALA A 1 37 ? 6.116   3.282   -1.587  1.00 18.60 ? 35  ALA A CB  1 
ATOM   287 N N   . SER A 1 38 ? 8.534   3.475   -3.559  1.00 18.64 ? 36  SER A N   1 
ATOM   288 C CA  . SER A 1 38 ? 9.054   3.783   -4.879  1.00 18.10 ? 36  SER A CA  1 
ATOM   289 C C   . SER A 1 38 ? 9.943   2.652   -5.397  1.00 20.33 ? 36  SER A C   1 
ATOM   290 O O   . SER A 1 38 ? 9.995   2.413   -6.603  1.00 21.01 ? 36  SER A O   1 
ATOM   291 C CB  . SER A 1 38 ? 9.816   5.111   -4.851  1.00 21.32 ? 36  SER A CB  1 
ATOM   292 O OG  . SER A 1 38 ? 11.064  4.966   -4.190  1.00 23.06 ? 36  SER A OG  1 
ATOM   293 N N   . LEU A 1 39 ? 10.604  1.924   -4.495  1.00 18.68 ? 37  LEU A N   1 
ATOM   294 C CA  . LEU A 1 39 ? 11.474  0.813   -4.887  1.00 19.10 ? 37  LEU A CA  1 
ATOM   295 C C   . LEU A 1 39 ? 10.726  -0.244  -5.691  1.00 21.87 ? 37  LEU A C   1 
ATOM   296 O O   . LEU A 1 39 ? 11.296  -0.853  -6.604  1.00 22.25 ? 37  LEU A O   1 
ATOM   297 C CB  . LEU A 1 39 ? 12.085  0.166   -3.639  1.00 17.97 ? 37  LEU A CB  1 
ATOM   298 C CG  . LEU A 1 39 ? 13.084  -0.980  -3.863  1.00 19.62 ? 37  LEU A CG  1 
ATOM   299 C CD1 . LEU A 1 39 ? 14.339  -0.458  -4.581  1.00 18.94 ? 37  LEU A CD1 1 
ATOM   300 C CD2 . LEU A 1 39 ? 13.448  -1.631  -2.535  1.00 19.94 ? 37  LEU A CD2 1 
ATOM   301 N N   . VAL A 1 40 ? 9.461   -0.511  -5.345  1.00 20.06 ? 38  VAL A N   1 
ATOM   302 C CA  . VAL A 1 40 ? 8.670   -1.508  -6.067  1.00 21.03 ? 38  VAL A CA  1 
ATOM   303 C C   . VAL A 1 40 ? 7.833   -0.882  -7.177  1.00 21.76 ? 38  VAL A C   1 
ATOM   304 O O   . VAL A 1 40 ? 6.944   -1.536  -7.741  1.00 25.77 ? 38  VAL A O   1 
ATOM   305 C CB  . VAL A 1 40 ? 7.765   -2.296  -5.111  1.00 22.80 ? 38  VAL A CB  1 
ATOM   306 C CG1 . VAL A 1 40 ? 8.601   -2.972  -4.024  1.00 23.92 ? 38  VAL A CG1 1 
ATOM   307 C CG2 . VAL A 1 40 ? 6.719   -1.393  -4.519  1.00 21.62 ? 38  VAL A CG2 1 
ATOM   308 N N   . GLY A 1 41 ? 8.086   0.385   -7.487  1.00 20.83 ? 39  GLY A N   1 
ATOM   309 C CA  . GLY A 1 41 ? 7.448   0.991   -8.639  1.00 23.06 ? 39  GLY A CA  1 
ATOM   310 C C   . GLY A 1 41 ? 6.034   1.500   -8.432  1.00 23.84 ? 39  GLY A C   1 
ATOM   311 O O   . GLY A 1 41 ? 5.342   1.736   -9.422  1.00 25.28 ? 39  GLY A O   1 
ATOM   312 N N   . LEU A 1 42 ? 5.573   1.675   -7.195  1.00 23.51 ? 40  LEU A N   1 
ATOM   313 C CA  . LEU A 1 42 ? 4.238   2.240   -6.979  1.00 19.08 ? 40  LEU A CA  1 
ATOM   314 C C   . LEU A 1 42 ? 4.170   3.668   -7.514  1.00 23.54 ? 40  LEU A C   1 
ATOM   315 O O   . LEU A 1 42 ? 5.149   4.417   -7.469  1.00 22.59 ? 40  LEU A O   1 
ATOM   316 C CB  . LEU A 1 42 ? 3.882   2.218   -5.495  1.00 19.87 ? 40  LEU A CB  1 
ATOM   317 C CG  . LEU A 1 42 ? 3.530   0.816   -4.950  1.00 21.12 ? 40  LEU A CG  1 
ATOM   318 C CD1 . LEU A 1 42 ? 3.452   0.835   -3.441  1.00 17.23 ? 40  LEU A CD1 1 
ATOM   319 C CD2 . LEU A 1 42 ? 2.208   0.308   -5.515  1.00 20.25 ? 40  LEU A CD2 1 
ATOM   320 N N   . ARG A 1 43 ? 3.004   4.041   -8.040  1.00 25.10 ? 41  ARG A N   1 
ATOM   321 C CA  . ARG A 1 43 ? 2.826   5.356   -8.646  1.00 24.43 ? 41  ARG A CA  1 
ATOM   322 C C   . ARG A 1 43 ? 1.484   5.952   -8.251  1.00 22.96 ? 41  ARG A C   1 
ATOM   323 O O   . ARG A 1 43 ? 0.516   5.229   -8.012  1.00 23.12 ? 41  ARG A O   1 
ATOM   324 C CB  . ARG A 1 43 ? 2.897   5.288   -10.164 1.00 24.91 ? 41  ARG A CB  1 
ATOM   325 C CG  . ARG A 1 43 ? 4.299   5.198   -10.699 1.00 29.77 ? 41  ARG A CG  1 
ATOM   326 C CD  . ARG A 1 43 ? 4.314   4.577   -12.071 1.00 34.60 ? 41  ARG A CD  1 
ATOM   327 N NE  . ARG A 1 43 ? 3.641   5.381   -13.089 1.00 30.25 ? 41  ARG A NE  1 
ATOM   328 C CZ  . ARG A 1 43 ? 4.219   6.396   -13.721 1.00 39.21 ? 41  ARG A CZ  1 
ATOM   329 N NH1 . ARG A 1 43 ? 5.470   6.739   -13.425 1.00 36.70 ? 41  ARG A NH1 1 
ATOM   330 N NH2 . ARG A 1 43 ? 3.561   7.063   -14.648 1.00 30.32 ? 41  ARG A NH2 1 
ATOM   331 N N   . PHE A 1 44 ? 1.440   7.285   -8.211  1.00 24.53 ? 42  PHE A N   1 
ATOM   332 C CA  . PHE A 1 44 ? 0.185   8.012   -8.065  1.00 24.06 ? 42  PHE A CA  1 
ATOM   333 C C   . PHE A 1 44 ? -0.883  7.391   -8.948  1.00 22.13 ? 42  PHE A C   1 
ATOM   334 O O   . PHE A 1 44 ? -0.666  7.168   -10.138 1.00 24.14 ? 42  PHE A O   1 
ATOM   335 C CB  . PHE A 1 44 ? 0.368   9.492   -8.435  1.00 26.99 ? 42  PHE A CB  1 
ATOM   336 C CG  . PHE A 1 44 ? -0.926  10.267  -8.443  1.00 26.22 ? 42  PHE A CG  1 
ATOM   337 C CD1 . PHE A 1 44 ? -1.416  10.819  -7.277  1.00 26.16 ? 42  PHE A CD1 1 
ATOM   338 C CD2 . PHE A 1 44 ? -1.654  10.424  -9.613  1.00 31.76 ? 42  PHE A CD2 1 
ATOM   339 C CE1 . PHE A 1 44 ? -2.618  11.509  -7.266  1.00 25.29 ? 42  PHE A CE1 1 
ATOM   340 C CE2 . PHE A 1 44 ? -2.863  11.121  -9.612  1.00 30.09 ? 42  PHE A CE2 1 
ATOM   341 C CZ  . PHE A 1 44 ? -3.338  11.658  -8.432  1.00 25.13 ? 42  PHE A CZ  1 
ATOM   342 N N   . GLY A 1 45 ? -2.025  7.070   -8.352  1.00 23.67 ? 43  GLY A N   1 
ATOM   343 C CA  . GLY A 1 45 ? -3.146  6.562   -9.113  1.00 26.23 ? 43  GLY A CA  1 
ATOM   344 C C   . GLY A 1 45 ? -3.261  5.054   -9.170  1.00 26.19 ? 43  GLY A C   1 
ATOM   345 O O   . GLY A 1 45 ? -4.310  4.550   -9.576  1.00 25.13 ? 43  GLY A O   1 
ATOM   346 N N   . ASP A 1 46 ? -2.218  4.315   -8.790  1.00 25.74 ? 44  ASP A N   1 
ATOM   347 C CA  . ASP A 1 46 ? -2.328  2.860   -8.750  1.00 24.13 ? 44  ASP A CA  1 
ATOM   348 C C   . ASP A 1 46 ? -3.457  2.463   -7.816  1.00 25.00 ? 44  ASP A C   1 
ATOM   349 O O   . ASP A 1 46 ? -3.694  3.118   -6.805  1.00 24.46 ? 44  ASP A O   1 
ATOM   350 C CB  . ASP A 1 46 ? -1.023  2.226   -8.259  1.00 22.92 ? 44  ASP A CB  1 
ATOM   351 C CG  . ASP A 1 46 ? 0.100   2.350   -9.254  1.00 27.06 ? 44  ASP A CG  1 
ATOM   352 O OD1 . ASP A 1 46 ? -0.172  2.600   -10.439 1.00 25.75 ? 44  ASP A OD1 1 
ATOM   353 O OD2 . ASP A 1 46 ? 1.268   2.195   -8.842  1.00 29.76 ? 44  ASP A OD2 1 
ATOM   354 N N   . GLN A 1 47 ? -4.160  1.390   -8.160  1.00 22.35 ? 45  GLN A N   1 
ATOM   355 C CA  . GLN A 1 47 ? -5.212  0.855   -7.321  1.00 25.66 ? 45  GLN A CA  1 
ATOM   356 C C   . GLN A 1 47 ? -4.656  -0.291  -6.487  1.00 25.76 ? 45  GLN A C   1 
ATOM   357 O O   . GLN A 1 47 ? -3.994  -1.186  -7.018  1.00 26.95 ? 45  GLN A O   1 
ATOM   358 C CB  . GLN A 1 47 ? -6.390  0.360   -8.157  1.00 27.98 ? 45  GLN A CB  1 
ATOM   359 C CG  . GLN A 1 47 ? -7.510  -0.169  -7.273  1.00 26.25 ? 45  GLN A CG  1 
ATOM   360 C CD  . GLN A 1 47 ? -8.751  -0.501  -8.038  1.00 30.32 ? 45  GLN A CD  1 
ATOM   361 O OE1 . GLN A 1 47 ? -8.775  -0.439  -9.271  1.00 30.91 ? 45  GLN A OE1 1 
ATOM   362 N NE2 . GLN A 1 47 ? -9.804  -0.848  -7.314  1.00 31.46 ? 45  GLN A NE2 1 
ATOM   363 N N   . VAL A 1 48 ? -4.927  -0.263  -5.192  1.00 29.53 ? 46  VAL A N   1 
ATOM   364 C CA  . VAL A 1 48 ? -4.541  -1.343  -4.297  1.00 25.12 ? 46  VAL A CA  1 
ATOM   365 C C   . VAL A 1 48 ? -5.738  -2.262  -4.107  1.00 28.20 ? 46  VAL A C   1 
ATOM   366 O O   . VAL A 1 48 ? -6.763  -1.851  -3.557  1.00 29.50 ? 46  VAL A O   1 
ATOM   367 C CB  . VAL A 1 48 ? -4.044  -0.798  -2.958  1.00 27.94 ? 46  VAL A CB  1 
ATOM   368 C CG1 . VAL A 1 48 ? -3.590  -1.971  -2.059  1.00 26.33 ? 46  VAL A CG1 1 
ATOM   369 C CG2 . VAL A 1 48 ? -2.923  0.225   -3.197  1.00 25.94 ? 46  VAL A CG2 1 
ATOM   370 N N   . LEU A 1 49 ? -5.606  -3.507  -4.554  1.00 30.40 ? 47  LEU A N   1 
ATOM   371 C CA  . LEU A 1 49 ? -6.690  -4.486  -4.490  1.00 29.21 ? 47  LEU A CA  1 
ATOM   372 C C   . LEU A 1 49 ? -6.672  -5.285  -3.194  1.00 36.03 ? 47  LEU A C   1 
ATOM   373 O O   . LEU A 1 49 ? -7.733  -5.573  -2.628  1.00 37.24 ? 47  LEU A O   1 
ATOM   374 C CB  . LEU A 1 49 ? -6.597  -5.451  -5.668  1.00 28.39 ? 47  LEU A CB  1 
ATOM   375 C CG  . LEU A 1 49 ? -6.538  -4.817  -7.058  1.00 32.43 ? 47  LEU A CG  1 
ATOM   376 C CD1 . LEU A 1 49 ? -6.659  -5.859  -8.125  1.00 36.47 ? 47  LEU A CD1 1 
ATOM   377 C CD2 . LEU A 1 49 ? -7.634  -3.777  -7.236  1.00 35.95 ? 47  LEU A CD2 1 
ATOM   378 N N   . GLN A 1 50 ? -5.487  -5.653  -2.715  1.00 27.39 ? 48  GLN A N   1 
ATOM   379 C CA  . GLN A 1 50 ? -5.346  -6.387  -1.468  1.00 33.78 ? 48  GLN A CA  1 
ATOM   380 C C   . GLN A 1 50 ? -4.173  -5.838  -0.681  1.00 32.93 ? 48  GLN A C   1 
ATOM   381 O O   . GLN A 1 50 ? -3.187  -5.378  -1.259  1.00 28.88 ? 48  GLN A O   1 
ATOM   382 C CB  . GLN A 1 50 ? -5.117  -7.879  -1.705  1.00 35.77 ? 48  GLN A CB  1 
ATOM   383 C CG  . GLN A 1 50 ? -6.335  -8.596  -2.232  1.00 42.90 ? 48  GLN A CG  1 
ATOM   384 C CD  . GLN A 1 50 ? -6.149  -10.094 -2.189  1.00 50.88 ? 48  GLN A CD  1 
ATOM   385 O OE1 . GLN A 1 50 ? -6.754  -10.786 -1.367  1.00 55.32 ? 48  GLN A OE1 1 
ATOM   386 N NE2 . GLN A 1 50 ? -5.290  -10.604 -3.064  1.00 44.74 ? 48  GLN A NE2 1 
ATOM   387 N N   . ILE A 1 51 ? -4.298  -5.874  0.643   1.00 26.77 ? 49  ILE A N   1 
ATOM   388 C CA  . ILE A 1 51 ? -3.205  -5.562  1.556   1.00 34.60 ? 49  ILE A CA  1 
ATOM   389 C C   . ILE A 1 51 ? -3.070  -6.735  2.516   1.00 39.68 ? 49  ILE A C   1 
ATOM   390 O O   . ILE A 1 51 ? -4.014  -7.048  3.247   1.00 34.46 ? 49  ILE A O   1 
ATOM   391 C CB  . ILE A 1 51 ? -3.442  -4.262  2.341   1.00 30.13 ? 49  ILE A CB  1 
ATOM   392 C CG1 . ILE A 1 51 ? -3.717  -3.093  1.392   1.00 35.17 ? 49  ILE A CG1 1 
ATOM   393 C CG2 . ILE A 1 51 ? -2.244  -3.963  3.198   1.00 37.19 ? 49  ILE A CG2 1 
ATOM   394 C CD1 . ILE A 1 51 ? -3.917  -1.764  2.108   1.00 34.51 ? 49  ILE A CD1 1 
ATOM   395 N N   . ASN A 1 52 ? -1.909  -7.392  2.497   1.00 38.76 ? 50  ASN A N   1 
ATOM   396 C CA  . ASN A 1 52 ? -1.608  -8.495  3.409   1.00 38.16 ? 50  ASN A CA  1 
ATOM   397 C C   . ASN A 1 52 ? -2.718  -9.539  3.401   1.00 41.38 ? 50  ASN A C   1 
ATOM   398 O O   . ASN A 1 52 ? -3.209  -9.963  4.446   1.00 50.25 ? 50  ASN A O   1 
ATOM   399 C CB  . ASN A 1 52 ? -1.364  -7.981  4.829   1.00 38.03 ? 50  ASN A CB  1 
ATOM   400 C CG  . ASN A 1 52 ? -0.130  -7.131  4.936   1.00 41.49 ? 50  ASN A CG  1 
ATOM   401 O OD1 . ASN A 1 52 ? 0.885   -7.410  4.302   1.00 42.11 ? 50  ASN A OD1 1 
ATOM   402 N ND2 . ASN A 1 52 ? -0.210  -6.071  5.734   1.00 45.04 ? 50  ASN A ND2 1 
ATOM   403 N N   . GLY A 1 53 ? -3.140  -9.928  2.202   1.00 43.16 ? 51  GLY A N   1 
ATOM   404 C CA  . GLY A 1 53 ? -4.138  -10.958 2.041   1.00 48.26 ? 51  GLY A CA  1 
ATOM   405 C C   . GLY A 1 53 ? -5.586  -10.502 2.065   1.00 48.56 ? 51  GLY A C   1 
ATOM   406 O O   . GLY A 1 53 ? -6.463  -11.288 1.689   1.00 51.97 ? 51  GLY A O   1 
ATOM   407 N N   . GLU A 1 54 ? -5.871  -9.267  2.474   1.00 47.03 ? 52  GLU A N   1 
ATOM   408 C CA  . GLU A 1 54 ? -7.242  -8.803  2.675   1.00 43.87 ? 52  GLU A CA  1 
ATOM   409 C C   . GLU A 1 54 ? -7.670  -7.910  1.520   1.00 44.76 ? 52  GLU A C   1 
ATOM   410 O O   . GLU A 1 54 ? -6.924  -7.013  1.118   1.00 35.87 ? 52  GLU A O   1 
ATOM   411 C CB  . GLU A 1 54 ? -7.370  -8.027  3.986   1.00 46.03 ? 52  GLU A CB  1 
ATOM   412 C CG  . GLU A 1 54 ? -6.514  -8.555  5.119   1.00 51.53 ? 52  GLU A CG  1 
ATOM   413 C CD  . GLU A 1 54 ? -7.002  -9.886  5.628   1.00 56.25 ? 52  GLU A CD  1 
ATOM   414 O OE1 . GLU A 1 54 ? -8.187  -9.973  6.018   1.00 57.87 ? 52  GLU A OE1 1 
ATOM   415 O OE2 . GLU A 1 54 ? -6.202  -10.851 5.631   1.00 64.24 ? 52  GLU A OE2 1 
ATOM   416 N N   . ASN A 1 55 ? -8.876  -8.149  1.003   1.00 42.97 ? 53  ASN A N   1 
ATOM   417 C CA  . ASN A 1 55 ? -9.473  -7.263  0.010   1.00 42.84 ? 53  ASN A CA  1 
ATOM   418 C C   . ASN A 1 55 ? -9.744  -5.886  0.606   1.00 43.96 ? 53  ASN A C   1 
ATOM   419 O O   . ASN A 1 55 ? -10.367 -5.769  1.667   1.00 38.78 ? 53  ASN A O   1 
ATOM   420 C CB  . ASN A 1 55 ? -10.776 -7.863  -0.515  1.00 49.91 ? 53  ASN A CB  1 
ATOM   421 C CG  . ASN A 1 55 ? -10.585 -8.638  -1.796  1.00 55.79 ? 53  ASN A CG  1 
ATOM   422 O OD1 . ASN A 1 55 ? -9.545  -9.266  -2.012  1.00 58.50 ? 53  ASN A OD1 1 
ATOM   423 N ND2 . ASN A 1 55 ? -11.590 -8.595  -2.663  1.00 61.01 ? 53  ASN A ND2 1 
ATOM   424 N N   . CYS A 1 56 ? -9.348  -4.817  -0.085  1.00 38.78 ? 54  CYS A N   1 
ATOM   425 C CA  . CYS A 1 56 ? -9.522  -3.473  0.535   1.00 41.19 ? 54  CYS A CA  1 
ATOM   426 C C   . CYS A 1 56 ? -10.776 -2.776  -0.012  1.00 41.93 ? 54  CYS A C   1 
ATOM   427 O O   . CYS A 1 56 ? -10.978 -1.594  0.332   1.00 43.15 ? 54  CYS A O   1 
ATOM   428 C CB  . CYS A 1 56 ? -8.303  -2.602  0.274   1.00 38.20 ? 54  CYS A CB  1 
ATOM   429 S SG  . CYS A 1 56 ? -7.585  -2.907  -1.357  1.00 40.65 ? 54  CYS A SG  1 
ATOM   430 N N   . ALA A 1 57 ? -11.589 -3.470  -0.817  1.00 43.86 ? 55  ALA A N   1 
ATOM   431 C CA  . ALA A 1 57 ? -12.819 -2.869  -1.321  1.00 43.10 ? 55  ALA A CA  1 
ATOM   432 C C   . ALA A 1 57 ? -13.665 -2.345  -0.175  1.00 44.79 ? 55  ALA A C   1 
ATOM   433 O O   . ALA A 1 57 ? -13.980 -3.081  0.765   1.00 47.59 ? 55  ALA A O   1 
ATOM   434 C CB  . ALA A 1 57 ? -13.598 -3.897  -2.140  1.00 41.18 ? 55  ALA A CB  1 
ATOM   435 N N   . GLY A 1 58 ? -13.988 -1.056  -0.226  1.00 42.22 ? 56  GLY A N   1 
ATOM   436 C CA  . GLY A 1 58 ? -14.811 -0.461  0.799   1.00 42.83 ? 56  GLY A CA  1 
ATOM   437 C C   . GLY A 1 58 ? -14.091 -0.099  2.079   1.00 42.00 ? 56  GLY A C   1 
ATOM   438 O O   . GLY A 1 58 ? -14.752 0.319   3.036   1.00 43.95 ? 56  GLY A O   1 
ATOM   439 N N   . TRP A 1 59 ? -12.770 -0.240  2.141   1.00 37.19 ? 57  TRP A N   1 
ATOM   440 C CA  . TRP A 1 59 ? -12.049 0.226   3.318   1.00 37.52 ? 57  TRP A CA  1 
ATOM   441 C C   . TRP A 1 59 ? -11.947 1.744   3.320   1.00 39.39 ? 57  TRP A C   1 
ATOM   442 O O   . TRP A 1 59 ? -11.868 2.385   2.270   1.00 38.17 ? 57  TRP A O   1 
ATOM   443 C CB  . TRP A 1 59 ? -10.630 -0.343  3.376   1.00 41.64 ? 57  TRP A CB  1 
ATOM   444 C CG  . TRP A 1 59 ? -10.510 -1.760  3.841   1.00 42.91 ? 57  TRP A CG  1 
ATOM   445 C CD1 . TRP A 1 59 ? -11.520 -2.614  4.179   1.00 44.16 ? 57  TRP A CD1 1 
ATOM   446 C CD2 . TRP A 1 59 ? -9.289  -2.485  4.022   1.00 41.19 ? 57  TRP A CD2 1 
ATOM   447 N NE1 . TRP A 1 59 ? -11.000 -3.840  4.549   1.00 44.28 ? 57  TRP A NE1 1 
ATOM   448 C CE2 . TRP A 1 59 ? -9.632  -3.781  4.463   1.00 42.79 ? 57  TRP A CE2 1 
ATOM   449 C CE3 . TRP A 1 59 ? -7.938  -2.167  3.847   1.00 39.79 ? 57  TRP A CE3 1 
ATOM   450 C CZ2 . TRP A 1 59 ? -8.673  -4.753  4.736   1.00 44.77 ? 57  TRP A CZ2 1 
ATOM   451 C CZ3 . TRP A 1 59 ? -6.983  -3.141  4.121   1.00 39.41 ? 57  TRP A CZ3 1 
ATOM   452 C CH2 . TRP A 1 59 ? -7.358  -4.414  4.561   1.00 41.60 ? 57  TRP A CH2 1 
ATOM   453 N N   . SER A 1 60 ? -11.914 2.316   4.518   1.00 36.44 ? 58  SER A N   1 
ATOM   454 C CA  . SER A 1 60 ? -11.609 3.729   4.638   1.00 41.14 ? 58  SER A CA  1 
ATOM   455 C C   . SER A 1 60 ? -10.121 3.970   4.389   1.00 40.47 ? 58  SER A C   1 
ATOM   456 O O   . SER A 1 60 ? -9.301  3.046   4.414   1.00 33.21 ? 58  SER A O   1 
ATOM   457 C CB  . SER A 1 60 ? -12.009 4.246   6.019   1.00 43.19 ? 58  SER A CB  1 
ATOM   458 O OG  . SER A 1 60 ? -11.068 3.858   7.006   1.00 41.05 ? 58  SER A OG  1 
ATOM   459 N N   . SER A 1 61 ? -9.782  5.234   4.118   1.00 36.21 ? 59  SER A N   1 
ATOM   460 C CA  . SER A 1 61 ? -8.381  5.624   4.037   1.00 39.95 ? 59  SER A CA  1 
ATOM   461 C C   . SER A 1 61 ? -7.646  5.326   5.336   1.00 41.37 ? 59  SER A C   1 
ATOM   462 O O   . SER A 1 61 ? -6.473  4.943   5.311   1.00 32.59 ? 59  SER A O   1 
ATOM   463 C CB  . SER A 1 61 ? -8.263  7.112   3.697   1.00 37.67 ? 59  SER A CB  1 
ATOM   464 O OG  . SER A 1 61 ? -8.764  7.392   2.400   1.00 36.37 ? 59  SER A OG  1 
ATOM   465 N N   . ASP A 1 62 ? -8.319  5.494   6.481   1.00 41.90 ? 60  ASP A N   1 
ATOM   466 C CA  . ASP A 1 62 ? -7.676  5.260   7.769   1.00 41.99 ? 60  ASP A CA  1 
ATOM   467 C C   . ASP A 1 62 ? -7.547  3.778   8.072   1.00 39.74 ? 60  ASP A C   1 
ATOM   468 O O   . ASP A 1 62 ? -6.581  3.364   8.722   1.00 42.70 ? 60  ASP A O   1 
ATOM   469 C CB  . ASP A 1 62 ? -8.458  5.951   8.883   1.00 45.74 ? 60  ASP A CB  1 
ATOM   470 C CG  . ASP A 1 62 ? -8.303  7.453   8.858   1.00 48.96 ? 60  ASP A CG  1 
ATOM   471 O OD1 . ASP A 1 62 ? -7.284  7.948   8.323   1.00 48.93 ? 60  ASP A OD1 1 
ATOM   472 O OD2 . ASP A 1 62 ? -9.205  8.138   9.388   1.00 52.33 ? 60  ASP A OD2 1 
ATOM   473 N N   . LYS A 1 63 ? -8.513  2.976   7.628   1.00 41.41 ? 61  LYS A N   1 
ATOM   474 C CA  . LYS A 1 63 ? -8.390  1.532   7.752   1.00 37.63 ? 61  LYS A CA  1 
ATOM   475 C C   . LYS A 1 63 ? -7.204  1.020   6.942   1.00 41.68 ? 61  LYS A C   1 
ATOM   476 O O   . LYS A 1 63 ? -6.380  0.243   7.441   1.00 39.85 ? 61  LYS A O   1 
ATOM   477 C CB  . LYS A 1 63 ? -9.689  0.876   7.306   1.00 40.45 ? 61  LYS A CB  1 
ATOM   478 C CG  . LYS A 1 63 ? -9.614  -0.622  7.086   1.00 41.90 ? 61  LYS A CG  1 
ATOM   479 C CD  . LYS A 1 63 ? -9.416  -1.375  8.376   1.00 48.37 ? 61  LYS A CD  1 
ATOM   480 C CE  . LYS A 1 63 ? -9.855  -2.816  8.217   1.00 51.99 ? 61  LYS A CE  1 
ATOM   481 N NZ  . LYS A 1 63 ? -11.320 -2.885  7.950   1.00 54.99 ? 61  LYS A NZ  1 
ATOM   482 N N   . ALA A 1 64 ? -7.092  1.463   5.686   1.00 39.36 ? 62  ALA A N   1 
ATOM   483 C CA  . ALA A 1 64 ? -5.996  1.010   4.832   1.00 38.89 ? 62  ALA A CA  1 
ATOM   484 C C   . ALA A 1 64 ? -4.643  1.357   5.435   1.00 35.43 ? 62  ALA A C   1 
ATOM   485 O O   . ALA A 1 64 ? -3.714  0.544   5.402   1.00 35.46 ? 62  ALA A O   1 
ATOM   486 C CB  . ALA A 1 64 ? -6.135  1.614   3.433   1.00 34.70 ? 62  ALA A CB  1 
ATOM   487 N N   . HIS A 1 65 ? -4.508  2.556   6.001   1.00 34.89 ? 63  HIS A N   1 
ATOM   488 C CA  . HIS A 1 65 ? -3.239  2.905   6.620   1.00 33.94 ? 63  HIS A CA  1 
ATOM   489 C C   . HIS A 1 65 ? -3.034  2.160   7.927   1.00 37.72 ? 63  HIS A C   1 
ATOM   490 O O   . HIS A 1 65 ? -1.893  1.885   8.299   1.00 38.60 ? 63  HIS A O   1 
ATOM   491 C CB  . HIS A 1 65 ? -3.151  4.412   6.852   1.00 38.36 ? 63  HIS A CB  1 
ATOM   492 C CG  . HIS A 1 65 ? -3.048  5.209   5.591   1.00 40.59 ? 63  HIS A CG  1 
ATOM   493 N ND1 . HIS A 1 65 ? -3.568  6.480   5.469   1.00 42.12 ? 63  HIS A ND1 1 
ATOM   494 C CD2 . HIS A 1 65 ? -2.496  4.910   4.390   1.00 37.70 ? 63  HIS A CD2 1 
ATOM   495 C CE1 . HIS A 1 65 ? -3.335  6.932   4.249   1.00 41.02 ? 63  HIS A CE1 1 
ATOM   496 N NE2 . HIS A 1 65 ? -2.690  5.998   3.574   1.00 33.30 ? 63  HIS A NE2 1 
ATOM   497 N N   . LYS A 1 66 ? -4.113  1.854   8.650   1.00 38.71 ? 64  LYS A N   1 
ATOM   498 C CA  . LYS A 1 66 ? -3.974  1.050   9.857   1.00 39.78 ? 64  LYS A CA  1 
ATOM   499 C C   . LYS A 1 66 ? -3.421  -0.323  9.510   1.00 38.89 ? 64  LYS A C   1 
ATOM   500 O O   . LYS A 1 66 ? -2.484  -0.808  10.153  1.00 40.09 ? 64  LYS A O   1 
ATOM   501 C CB  . LYS A 1 66 ? -5.322  0.928   10.581  1.00 40.64 ? 64  LYS A CB  1 
ATOM   502 C CG  . LYS A 1 66 ? -5.230  0.391   12.032  1.00 46.57 ? 64  LYS A CG  1 
ATOM   503 C CD  . LYS A 1 66 ? -6.555  -0.213  12.528  1.00 46.72 ? 64  LYS A CD  1 
ATOM   504 C CE  . LYS A 1 66 ? -6.888  -1.511  11.779  1.00 51.65 ? 64  LYS A CE  1 
ATOM   505 N NZ  . LYS A 1 66 ? -8.061  -2.268  12.322  1.00 53.64 ? 64  LYS A NZ  1 
ATOM   506 N N   . VAL A 1 67 ? -3.984  -0.956  8.476   1.00 37.51 ? 65  VAL A N   1 
ATOM   507 C CA  . VAL A 1 67 ? -3.547  -2.295  8.088   1.00 38.44 ? 65  VAL A CA  1 
ATOM   508 C C   . VAL A 1 67 ? -2.098  -2.269  7.619   1.00 38.63 ? 65  VAL A C   1 
ATOM   509 O O   . VAL A 1 67 ? -1.313  -3.171  7.937   1.00 37.26 ? 65  VAL A O   1 
ATOM   510 C CB  . VAL A 1 67 ? -4.492  -2.871  7.021   1.00 37.88 ? 65  VAL A CB  1 
ATOM   511 C CG1 . VAL A 1 67 ? -3.924  -4.150  6.432   1.00 36.71 ? 65  VAL A CG1 1 
ATOM   512 C CG2 . VAL A 1 67 ? -5.862  -3.124  7.634   1.00 43.78 ? 65  VAL A CG2 1 
ATOM   513 N N   . LEU A 1 68 ? -1.711  -1.226  6.881   1.00 33.86 ? 66  LEU A N   1 
ATOM   514 C CA  . LEU A 1 68 ? -0.299  -1.009  6.596   1.00 37.13 ? 66  LEU A CA  1 
ATOM   515 C C   . LEU A 1 68 ? 0.513   -0.991  7.875   1.00 36.01 ? 66  LEU A C   1 
ATOM   516 O O   . LEU A 1 68 ? 1.554   -1.644  7.967   1.00 38.86 ? 66  LEU A O   1 
ATOM   517 C CB  . LEU A 1 68 ? -0.091  0.306   5.836   1.00 34.12 ? 66  LEU A CB  1 
ATOM   518 C CG  . LEU A 1 68 ? -0.442  0.299   4.350   1.00 33.63 ? 66  LEU A CG  1 
ATOM   519 C CD1 . LEU A 1 68 ? -0.152  1.665   3.722   1.00 36.21 ? 66  LEU A CD1 1 
ATOM   520 C CD2 . LEU A 1 68 ? 0.324   -0.805  3.627   1.00 35.03 ? 66  LEU A CD2 1 
ATOM   521 N N   . LYS A 1 69 ? 0.051   -0.240  8.878   1.00 37.69 ? 67  LYS A N   1 
ATOM   522 C CA  . LYS A 1 69 ? 0.819   -0.115  10.113  1.00 45.47 ? 67  LYS A CA  1 
ATOM   523 C C   . LYS A 1 69 ? 0.943   -1.452  10.833  1.00 39.35 ? 67  LYS A C   1 
ATOM   524 O O   . LYS A 1 69 ? 1.976   -1.727  11.447  1.00 39.68 ? 67  LYS A O   1 
ATOM   525 C CB  . LYS A 1 69 ? 0.179   0.925   11.039  1.00 46.22 ? 67  LYS A CB  1 
ATOM   526 N N   . GLN A 1 70 ? -0.089  -2.296  10.755  1.00 38.12 ? 68  GLN A N   1 
ATOM   527 C CA  . GLN A 1 70 ? -0.130  -3.593  11.419  1.00 37.26 ? 68  GLN A CA  1 
ATOM   528 C C   . GLN A 1 70 ? 0.616   -4.686  10.646  1.00 38.21 ? 68  GLN A C   1 
ATOM   529 O O   . GLN A 1 70 ? 0.378   -5.882  10.896  1.00 38.51 ? 68  GLN A O   1 
ATOM   530 C CB  . GLN A 1 70 ? -1.588  -4.014  11.638  1.00 39.58 ? 68  GLN A CB  1 
ATOM   531 C CG  . GLN A 1 70 ? -2.369  -3.125  12.608  1.00 38.70 ? 68  GLN A CG  1 
ATOM   532 C CD  . GLN A 1 70 ? -3.829  -3.530  12.733  1.00 40.97 ? 68  GLN A CD  1 
ATOM   533 O OE1 . GLN A 1 70 ? -4.392  -4.155  11.833  1.00 49.02 ? 68  GLN A OE1 1 
ATOM   534 N NE2 . GLN A 1 70 ? -4.444  -3.185  13.854  1.00 47.94 ? 68  GLN A NE2 1 
ATOM   535 N N   . ALA A 1 71 ? 1.490   -4.302  9.718   1.00 33.83 ? 69  ALA A N   1 
ATOM   536 C CA  . ALA A 1 71 ? 2.193   -5.276  8.894   1.00 37.02 ? 69  ALA A CA  1 
ATOM   537 C C   . ALA A 1 71 ? 2.946   -6.285  9.751   1.00 32.60 ? 69  ALA A C   1 
ATOM   538 O O   . ALA A 1 71 ? 3.547   -5.940  10.767  1.00 33.90 ? 69  ALA A O   1 
ATOM   539 C CB  . ALA A 1 71 ? 3.173   -4.566  7.974   1.00 35.13 ? 69  ALA A CB  1 
ATOM   540 N N   . PHE A 1 72 ? 2.929   -7.534  9.323   1.00 27.74 ? 70  PHE A N   1 
ATOM   541 C CA  . PHE A 1 72 ? 3.557   -8.615  10.068  1.00 22.83 ? 70  PHE A CA  1 
ATOM   542 C C   . PHE A 1 72 ? 4.932   -8.924  9.489   1.00 25.33 ? 70  PHE A C   1 
ATOM   543 O O   . PHE A 1 72 ? 5.083   -9.071  8.270   1.00 26.50 ? 70  PHE A O   1 
ATOM   544 C CB  . PHE A 1 72 ? 2.661   -9.846  10.029  1.00 25.85 ? 70  PHE A CB  1 
ATOM   545 C CG  . PHE A 1 72 ? 3.130   -10.959 10.910  1.00 22.97 ? 70  PHE A CG  1 
ATOM   546 C CD1 . PHE A 1 72 ? 2.898   -10.916 12.275  1.00 22.34 ? 70  PHE A CD1 1 
ATOM   547 C CD2 . PHE A 1 72 ? 3.807   -12.040 10.372  1.00 19.88 ? 70  PHE A CD2 1 
ATOM   548 C CE1 . PHE A 1 72 ? 3.320   -11.959 13.108  1.00 23.41 ? 70  PHE A CE1 1 
ATOM   549 C CE2 . PHE A 1 72 ? 4.241   -13.083 11.190  1.00 21.76 ? 70  PHE A CE2 1 
ATOM   550 C CZ  . PHE A 1 72 ? 3.992   -13.038 12.567  1.00 22.73 ? 70  PHE A CZ  1 
ATOM   551 N N   . GLY A 1 73 ? 5.937   -8.999  10.356  1.00 24.53 ? 71  GLY A N   1 
ATOM   552 C CA  . GLY A 1 73 ? 7.251   -9.451  9.930   1.00 26.38 ? 71  GLY A CA  1 
ATOM   553 C C   . GLY A 1 73 ? 8.039   -8.444  9.130   1.00 28.11 ? 71  GLY A C   1 
ATOM   554 O O   . GLY A 1 73 ? 8.818   -8.836  8.243   1.00 23.74 ? 71  GLY A O   1 
ATOM   555 N N   . GLU A 1 74 ? 7.866   -7.153  9.432   1.00 22.47 ? 72  GLU A N   1 
ATOM   556 C CA  . GLU A 1 74 ? 8.492   -6.026  8.740   1.00 25.48 ? 72  GLU A CA  1 
ATOM   557 C C   . GLU A 1 74 ? 8.143   -5.994  7.247   1.00 24.63 ? 72  GLU A C   1 
ATOM   558 O O   . GLU A 1 74 ? 8.849   -5.365  6.456   1.00 26.21 ? 72  GLU A O   1 
ATOM   559 C CB  . GLU A 1 74 ? 10.021  -6.016  8.923   1.00 27.20 ? 72  GLU A CB  1 
ATOM   560 C CG  . GLU A 1 74 ? 10.560  -6.399  10.328  1.00 25.42 ? 72  GLU A CG  1 
ATOM   561 C CD  . GLU A 1 74 ? 10.049  -5.493  11.446  1.00 32.24 ? 72  GLU A CD  1 
ATOM   562 O OE1 . GLU A 1 74 ? 9.693   -4.339  11.144  1.00 29.32 ? 72  GLU A OE1 1 
ATOM   563 O OE2 . GLU A 1 74 ? 10.008  -5.939  12.628  1.00 34.46 ? 72  GLU A OE2 1 
ATOM   564 N N   . LYS A 1 75 ? 7.052   -6.644  6.846   1.00 24.26 ? 73  LYS A N   1 
ATOM   565 C CA  . LYS A 1 75 ? 6.776   -6.927  5.448   1.00 23.33 ? 73  LYS A CA  1 
ATOM   566 C C   . LYS A 1 75 ? 5.342   -6.556  5.110   1.00 29.68 ? 73  LYS A C   1 
ATOM   567 O O   . LYS A 1 75 ? 4.408   -6.954  5.816   1.00 26.95 ? 73  LYS A O   1 
ATOM   568 C CB  . LYS A 1 75 ? 7.026   -8.410  5.144   1.00 24.23 ? 73  LYS A CB  1 
ATOM   569 C CG  . LYS A 1 75 ? 6.785   -8.796  3.699   1.00 28.05 ? 73  LYS A CG  1 
ATOM   570 C CD  . LYS A 1 75 ? 6.884   -10.308 3.498   1.00 25.80 ? 73  LYS A CD  1 
ATOM   571 C CE  . LYS A 1 75 ? 8.256   -10.814 3.837   1.00 26.26 ? 73  LYS A CE  1 
ATOM   572 N NZ  . LYS A 1 75 ? 8.389   -12.301 3.703   1.00 22.38 ? 73  LYS A NZ  1 
ATOM   573 N N   . ILE A 1 76 ? 5.171   -5.792  4.036   1.00 24.61 ? 74  ILE A N   1 
ATOM   574 C CA  . ILE A 1 76 ? 3.851   -5.439  3.518   1.00 29.23 ? 74  ILE A CA  1 
ATOM   575 C C   . ILE A 1 76 ? 3.694   -6.096  2.156   1.00 29.47 ? 74  ILE A C   1 
ATOM   576 O O   . ILE A 1 76 ? 4.487   -5.838  1.248   1.00 28.77 ? 74  ILE A O   1 
ATOM   577 C CB  . ILE A 1 76 ? 3.663   -3.917  3.389   1.00 30.54 ? 74  ILE A CB  1 
ATOM   578 C CG1 . ILE A 1 76 ? 3.513   -3.250  4.749   1.00 31.05 ? 74  ILE A CG1 1 
ATOM   579 C CG2 . ILE A 1 76 ? 2.419   -3.617  2.576   1.00 32.33 ? 74  ILE A CG2 1 
ATOM   580 C CD1 . ILE A 1 76 ? 4.793   -2.748  5.323   1.00 39.10 ? 74  ILE A CD1 1 
ATOM   581 N N   . THR A 1 77 ? 2.660   -6.912  2.005   1.00 28.99 ? 75  THR A N   1 
ATOM   582 C CA  . THR A 1 77 ? 2.274   -7.487  0.724   1.00 31.50 ? 75  THR A CA  1 
ATOM   583 C C   . THR A 1 77 ? 1.072   -6.730  0.162   1.00 31.31 ? 75  THR A C   1 
ATOM   584 O O   . THR A 1 77 ? 0.147   -6.384  0.898   1.00 30.30 ? 75  THR A O   1 
ATOM   585 C CB  . THR A 1 77 ? 1.935   -8.976  0.885   1.00 34.07 ? 75  THR A CB  1 
ATOM   586 O OG1 . THR A 1 77 ? 3.082   -9.677  1.391   1.00 34.01 ? 75  THR A OG1 1 
ATOM   587 C CG2 . THR A 1 77 ? 1.521   -9.591  -0.443  1.00 35.39 ? 75  THR A CG2 1 
ATOM   588 N N   . MET A 1 78 ? 1.088   -6.459  -1.138  1.00 29.45 ? 76  MET A N   1 
ATOM   589 C CA  . MET A 1 78 ? -0.046  -5.795  -1.771  1.00 31.01 ? 76  MET A CA  1 
ATOM   590 C C   . MET A 1 78 ? -0.276  -6.385  -3.150  1.00 30.67 ? 76  MET A C   1 
ATOM   591 O O   . MET A 1 78 ? 0.670   -6.771  -3.844  1.00 30.35 ? 76  MET A O   1 
ATOM   592 C CB  . MET A 1 78 ? 0.165   -4.272  -1.911  1.00 30.41 ? 76  MET A CB  1 
ATOM   593 C CG  . MET A 1 78 ? -0.150  -3.452  -0.665  1.00 33.87 ? 76  MET A CG  1 
ATOM   594 S SD  . MET A 1 78 ? 0.199   -1.668  -0.826  1.00 35.17 ? 76  MET A SD  1 
ATOM   595 C CE  . MET A 1 78 ? 1.902   -1.663  -1.272  1.00 26.93 ? 76  MET A CE  1 
ATOM   596 N N   . THR A 1 79 ? -1.549  -6.457  -3.529  1.00 27.98 ? 77  THR A N   1 
ATOM   597 C CA  . THR A 1 79 ? -1.963  -6.722  -4.897  1.00 30.26 ? 77  THR A CA  1 
ATOM   598 C C   . THR A 1 79 ? -2.415  -5.408  -5.518  1.00 29.33 ? 77  THR A C   1 
ATOM   599 O O   . THR A 1 79 ? -3.241  -4.705  -4.932  1.00 29.11 ? 77  THR A O   1 
ATOM   600 C CB  . THR A 1 79 ? -3.113  -7.730  -4.956  1.00 32.42 ? 77  THR A CB  1 
ATOM   601 O OG1 . THR A 1 79 ? -2.755  -8.923  -4.246  1.00 35.39 ? 77  THR A OG1 1 
ATOM   602 C CG2 . THR A 1 79 ? -3.434  -8.073  -6.398  1.00 29.84 ? 77  THR A CG2 1 
ATOM   603 N N   . ILE A 1 80 ? -1.909  -5.116  -6.714  1.00 28.59 ? 78  ILE A N   1 
ATOM   604 C CA  . ILE A 1 80 ? -2.025  -3.820  -7.369  1.00 31.36 ? 78  ILE A CA  1 
ATOM   605 C C   . ILE A 1 80 ? -2.603  -4.006  -8.769  1.00 34.58 ? 78  ILE A C   1 
ATOM   606 O O   . ILE A 1 80 ? -2.401  -5.041  -9.409  1.00 35.03 ? 78  ILE A O   1 
ATOM   607 C CB  . ILE A 1 80 ? -0.633  -3.141  -7.448  1.00 36.58 ? 78  ILE A CB  1 
ATOM   608 C CG1 . ILE A 1 80 ? -0.039  -2.949  -6.054  1.00 30.83 ? 78  ILE A CG1 1 
ATOM   609 C CG2 . ILE A 1 80 ? -0.693  -1.794  -8.168  1.00 40.37 ? 78  ILE A CG2 1 
ATOM   610 C CD1 . ILE A 1 80 ? -0.864  -2.047  -5.213  1.00 30.22 ? 78  ILE A CD1 1 
ATOM   611 N N   . ARG A 1 81 ? -3.302  -2.986  -9.254  1.00 37.51 ? 79  ARG A N   1 
ATOM   612 C CA  . ARG A 1 81 ? -3.584  -2.869  -10.687 1.00 36.23 ? 79  ARG A CA  1 
ATOM   613 C C   . ARG A 1 81 ? -3.026  -1.553  -11.221 1.00 39.39 ? 79  ARG A C   1 
ATOM   614 O O   . ARG A 1 81 ? -3.183  -0.487  -10.593 1.00 38.13 ? 79  ARG A O   1 
ATOM   615 C CB  . ARG A 1 81 ? -5.084  -2.961  -10.964 1.00 37.64 ? 79  ARG A CB  1 
HETATM 616 C C16 . P1Z B 2 .  ? -0.357  8.573   5.750   1.00 63.95 ? 101 P1Z A C16 1 
HETATM 617 C C17 . P1Z B 2 .  ? 0.959   8.281   5.441   1.00 65.88 ? 101 P1Z A C17 1 
HETATM 618 C C12 . P1Z B 2 .  ? 1.728   7.520   6.310   1.00 72.28 ? 101 P1Z A C12 1 
HETATM 619 C C13 . P1Z B 2 .  ? 1.163   7.059   7.494   1.00 73.59 ? 101 P1Z A C13 1 
HETATM 620 C C14 . P1Z B 2 .  ? -0.159  7.349   7.799   1.00 69.42 ? 101 P1Z A C14 1 
HETATM 621 C C15 . P1Z B 2 .  ? -0.919  8.111   6.927   1.00 66.20 ? 101 P1Z A C15 1 
HETATM 622 C C8  . P1Z B 2 .  ? 2.759   2.589   7.278   1.00 72.57 ? 101 P1Z A C8  1 
HETATM 623 C C9  . P1Z B 2 .  ? 3.050   2.543   8.629   1.00 72.16 ? 101 P1Z A C9  1 
HETATM 624 C C10 . P1Z B 2 .  ? 3.634   3.635   9.250   1.00 73.24 ? 101 P1Z A C10 1 
HETATM 625 C C11 . P1Z B 2 .  ? 3.930   4.777   8.525   1.00 73.85 ? 101 P1Z A C11 1 
HETATM 626 C C6  . P1Z B 2 .  ? 3.622   4.835   7.175   1.00 72.34 ? 101 P1Z A C6  1 
HETATM 627 C C7  . P1Z B 2 .  ? 3.054   3.731   6.549   1.00 75.32 ? 101 P1Z A C7  1 
HETATM 628 C C21 . P1Z B 2 .  ? 9.761   8.262   3.560   1.00 53.82 ? 101 P1Z A C21 1 
HETATM 629 C C20 . P1Z B 2 .  ? 8.712   8.909   4.468   1.00 56.79 ? 101 P1Z A C20 1 
HETATM 630 C C19 . P1Z B 2 .  ? 7.845   7.806   5.073   1.00 52.88 ? 101 P1Z A C19 1 
HETATM 631 C C18 . P1Z B 2 .  ? 6.513   8.348   5.603   1.00 58.91 ? 101 P1Z A C18 1 
HETATM 632 N N2  . P1Z B 2 .  ? 3.119   7.227   5.978   1.00 71.75 ? 101 P1Z A N2  1 
HETATM 633 C C3  . P1Z B 2 .  ? 4.007   8.110   5.158   1.00 68.27 ? 101 P1Z A C3  1 
HETATM 634 C C4  . P1Z B 2 .  ? 5.342   7.444   5.057   1.00 58.13 ? 101 P1Z A C4  1 
HETATM 635 C C5  . P1Z B 2 .  ? 5.276   6.181   5.820   1.00 49.60 ? 101 P1Z A C5  1 
HETATM 636 N N1  . P1Z B 2 .  ? 3.945   6.015   6.390   1.00 61.11 ? 101 P1Z A N1  1 
HETATM 637 O O3  . P1Z B 2 .  ? 3.704   9.146   4.653   1.00 66.49 ? 101 P1Z A O3  1 
HETATM 638 O O5  . P1Z B 2 .  ? 6.122   5.396   5.960   1.00 53.70 ? 101 P1Z A O5  1 
HETATM 639 S S   . SO4 C 3 .  ? 8.747   -6.978  -5.347  1.00 60.19 ? 102 SO4 A S   1 
HETATM 640 O O1  . SO4 C 3 .  ? 9.553   -7.271  -4.163  1.00 55.93 ? 102 SO4 A O1  1 
HETATM 641 O O2  . SO4 C 3 .  ? 9.584   -6.344  -6.369  1.00 60.58 ? 102 SO4 A O2  1 
HETATM 642 O O3  . SO4 C 3 .  ? 7.654   -6.076  -5.000  1.00 62.37 ? 102 SO4 A O3  1 
HETATM 643 O O4  . SO4 C 3 .  ? 8.160   -8.215  -5.859  1.00 66.81 ? 102 SO4 A O4  1 
HETATM 644 S S   . SO4 D 3 .  ? -10.020 7.228   -9.307  1.00 58.35 ? 103 SO4 A S   1 
HETATM 645 O O1  . SO4 D 3 .  ? -9.744  7.586   -10.701 1.00 47.73 ? 103 SO4 A O1  1 
HETATM 646 O O2  . SO4 D 3 .  ? -8.804  6.683   -8.710  1.00 52.93 ? 103 SO4 A O2  1 
HETATM 647 O O3  . SO4 D 3 .  ? -10.396 8.420   -8.551  1.00 67.23 ? 103 SO4 A O3  1 
HETATM 648 O O4  . SO4 D 3 .  ? -11.126 6.271   -9.225  1.00 50.55 ? 103 SO4 A O4  1 
HETATM 649 C C1  . GOL E 4 .  ? -11.823 7.723   5.929   1.00 49.21 ? 104 GOL A C1  1 
HETATM 650 O O1  . GOL E 4 .  ? -10.456 7.716   6.272   1.00 42.57 ? 104 GOL A O1  1 
HETATM 651 C C2  . GOL E 4 .  ? -12.067 8.611   4.722   1.00 46.13 ? 104 GOL A C2  1 
HETATM 652 O O2  . GOL E 4 .  ? -11.212 9.720   4.790   1.00 48.57 ? 104 GOL A O2  1 
HETATM 653 C C3  . GOL E 4 .  ? -11.814 7.829   3.447   1.00 44.47 ? 104 GOL A C3  1 
HETATM 654 O O3  . GOL E 4 .  ? -12.834 6.860   3.296   1.00 50.63 ? 104 GOL A O3  1 
HETATM 655 C C1  . GOL F 4 .  ? -6.878  -7.340  -15.808 1.00 54.71 ? 105 GOL A C1  1 
HETATM 656 O O1  . GOL F 4 .  ? -5.943  -6.364  -16.216 1.00 51.24 ? 105 GOL A O1  1 
HETATM 657 C C2  . GOL F 4 .  ? -6.396  -8.049  -14.549 1.00 50.75 ? 105 GOL A C2  1 
HETATM 658 O O2  . GOL F 4 .  ? -7.488  -8.633  -13.878 1.00 55.49 ? 105 GOL A O2  1 
HETATM 659 C C3  . GOL F 4 .  ? -5.473  -9.173  -14.975 1.00 51.22 ? 105 GOL A C3  1 
HETATM 660 O O3  . GOL F 4 .  ? -5.707  -10.289 -14.151 1.00 56.52 ? 105 GOL A O3  1 
HETATM 661 O O   . HOH G 5 .  ? 11.930  -2.087  1.013   1.00 20.45 ? 201 HOH A O   1 
HETATM 662 O O   . HOH G 5 .  ? 11.157  -3.013  -8.161  1.00 27.53 ? 202 HOH A O   1 
HETATM 663 O O   . HOH G 5 .  ? -9.150  -1.125  -4.712  1.00 29.69 ? 203 HOH A O   1 
HETATM 664 O O   . HOH G 5 .  ? 3.547   -9.968  6.229   1.00 33.42 ? 204 HOH A O   1 
HETATM 665 O O   . HOH G 5 .  ? -10.365 -5.771  -3.507  1.00 39.73 ? 205 HOH A O   1 
HETATM 666 O O   . HOH G 5 .  ? 1.124   -7.874  12.699  1.00 29.33 ? 206 HOH A O   1 
HETATM 667 O O   . HOH G 5 .  ? 10.682  -12.607 5.341   1.00 24.22 ? 207 HOH A O   1 
HETATM 668 O O   . HOH G 5 .  ? -12.820 1.854   -0.446  1.00 36.59 ? 208 HOH A O   1 
HETATM 669 O O   . HOH G 5 .  ? 3.923   8.867   -8.213  1.00 26.79 ? 209 HOH A O   1 
HETATM 670 O O   . HOH G 5 .  ? 6.838   2.492   -11.859 1.00 37.58 ? 210 HOH A O   1 
HETATM 671 O O   . HOH G 5 .  ? 3.383   10.470  -5.816  1.00 26.67 ? 211 HOH A O   1 
HETATM 672 O O   . HOH G 5 .  ? -13.624 1.447   7.035   1.00 48.93 ? 212 HOH A O   1 
HETATM 673 O O   . HOH G 5 .  ? -7.362  13.007  1.238   1.00 50.10 ? 213 HOH A O   1 
HETATM 674 O O   . HOH G 5 .  ? -1.032  14.623  -0.620  0.50 42.42 ? 214 HOH A O   1 
HETATM 675 O O   . HOH G 5 .  ? 10.002  -1.922  -11.072 1.00 38.68 ? 215 HOH A O   1 
# 
